data_6NPY
#
_entry.id   6NPY
#
loop_
_entity.id
_entity.type
_entity.pdbx_description
1 polymer 'Interferon-induced, double-stranded RNA-activated protein kinase,Serine/threonine-protein kinase Nek7'
2 polymer 'Isoform 2 of NACHT, LRR and PYD domains-containing protein 3'
3 non-polymer "ADENOSINE-5'-DIPHOSPHATE"
#
loop_
_entity_poly.entity_id
_entity_poly.type
_entity_poly.pdbx_seq_one_letter_code
_entity_poly.pdbx_strand_id
1 'polypeptide(L)'
;GSTDKRFGMDFRIEKKIGRGQFSEVYRAACRLDGKTVALKKVQIFDLMDAKARADCIKEIDLLAQLNHPNVIKYYVCFIT
GNELNIVLELADAGDLSRMIKHFKKQKRLIPERTVWKYFVQLCSALEHMHSRRVMHRDIKPANVFITATGVVKLGDLGLG
RFFSSKTTAAHSLVGTPYYMSPERIHENGYNFKSDIWSLGCLLYEMAALQSPFYGDKMNLYSLCKKIEQCDYPPLPSDHY
SEELRQLVNMCINPDPEKRPDVTYVYDVAKRMHACTASS
;
B
2 'polypeptide(L)'
;MASTRCKLARYLEDLEDVDLKKFKMHLEDYPPQKGCIPLPRGQTEKADHVDLATLMIDFNGEEKAWAMAVWIFAAINRRD
LYEKAKRDEPKWGSDNARVSNPTVICQEDSIEEEWMGLLEYLSRISICKMKKIYCAKYRAYVRSRFQCIEDRNARLGESV
SLNKRYTRLRLIKEHRSQQEREQELLAIGKTKTCESPVSPIKMELLFDPDDEHSEPVHTVVFQGAAGIGKTILARKMMLD
WASGTLYQDRFDYLFYIHCREVSLVTQRSLGDLIMSCCPDPNPPIHKIVRKPSRILFLMDGFDELQGAFDEHIGPLCTDW
QKAERGDILLSSLIRKKLLPEASLLITTRPVALEKLQHLLDHPRHVEILGFSEAKRKEYFFKYFSDEAQARAAFSLIQEN
EVLFTMCFIPLVCWIVCTGLKQQMESGKSLAQTSKTTTAVYVFFLSSLLQPRGGSQEHGLCAHLWGLCSLAADGIWNQKI
LFEESDLRNHGLQKADVSAFLRMNLFQKEVDCEKFYSFIHMTFQEFFAAMYYLLEEEKEGRTNVPGSRLKLPSRDVTVLL
ENYGKFEKGYLIFVVRFLFGLVNQERTSYLEKKLSCKISQQIRLELLKWIEVKAKAKKLQIQPSQLELFYCLYEMQEEDF
VQRAMDYFPKIEINLSTRMDHMVSSFCIENCHRVESLSLGFLHNMPKEEEEEEKEGRHLDMVQCVLPSSSHAACSHGLVN
SHLTSSFCRGLFSVLSTSQSLTELDLSDNSLGDPGMRVLCETLQHPGCNIRRLWLGRCGLSHECCFDISLVLSSNQKLVE
LDLSDNALGDFGIRLLCVGLKHLLCNLKKLWLVSCCLTSACCQDLASVLSTSHSLTRLYVGENALGDSGVAILCEKAKNP
QCNLQKLGLVNSGLTSVCCSALSSVLSTNQNLTHLYLRGNTLGDKGIKLLCEGLLHPDCKLQVLELDNCNLTSHCCWDLS
TLLTSSQSLRKLSLGNNDLGDLGVMMFCEVLKQQSCLLQNLGLSEMYFNYETKSALETLQEEKPELTVVFEPSW
;
A
#
# COMPACT_ATOMS: atom_id res chain seq x y z
N LEU A 90 4.34 -1.36 29.92
CA LEU A 90 4.83 0.01 29.88
C LEU A 90 5.70 0.25 28.64
N ALA A 91 5.37 1.29 27.89
CA ALA A 91 6.10 1.68 26.68
C ALA A 91 6.47 3.15 26.83
N ASP A 92 7.69 3.40 27.32
CA ASP A 92 8.17 4.76 27.57
C ASP A 92 9.03 5.29 26.43
N ALA A 93 9.17 4.53 25.33
CA ALA A 93 9.96 5.01 24.21
C ALA A 93 9.31 6.22 23.56
N GLY A 94 7.98 6.23 23.48
CA GLY A 94 7.28 7.36 22.91
C GLY A 94 5.84 7.00 22.64
N ASP A 95 5.12 7.93 22.02
CA ASP A 95 3.74 7.72 21.62
C ASP A 95 3.57 8.20 20.19
N LEU A 96 2.34 8.06 19.68
CA LEU A 96 2.04 8.48 18.32
C LEU A 96 1.79 9.98 18.22
N SER A 97 1.48 10.62 19.34
CA SER A 97 1.24 12.06 19.33
C SER A 97 2.49 12.83 18.93
N ARG A 98 3.65 12.41 19.44
CA ARG A 98 4.87 13.13 19.11
C ARG A 98 5.20 13.01 17.62
N MET A 99 4.98 11.83 17.03
CA MET A 99 5.25 11.71 15.61
C MET A 99 4.24 12.49 14.78
N ILE A 100 2.98 12.55 15.23
CA ILE A 100 2.02 13.43 14.58
C ILE A 100 2.53 14.87 14.61
N LYS A 101 3.04 15.31 15.76
CA LYS A 101 3.56 16.66 15.88
C LYS A 101 4.78 16.86 14.97
N HIS A 102 5.63 15.84 14.83
CA HIS A 102 6.78 15.98 13.94
C HIS A 102 6.35 16.16 12.49
N PHE A 103 5.47 15.28 11.99
CA PHE A 103 5.00 15.45 10.62
C PHE A 103 4.25 16.76 10.43
N LYS A 104 3.56 17.24 11.47
CA LYS A 104 2.99 18.58 11.39
C LYS A 104 4.08 19.63 11.25
N LYS A 105 5.17 19.46 11.99
CA LYS A 105 6.26 20.43 11.96
C LYS A 105 7.04 20.36 10.65
N GLN A 106 7.12 19.18 10.04
CA GLN A 106 7.85 19.02 8.80
C GLN A 106 7.05 19.41 7.56
N LYS A 107 5.79 19.81 7.75
CA LYS A 107 4.95 20.31 6.65
C LYS A 107 4.74 19.25 5.56
N ARG A 108 4.66 17.98 5.96
CA ARG A 108 4.37 16.90 5.02
C ARG A 108 3.27 16.01 5.58
N LEU A 109 2.39 15.55 4.69
CA LEU A 109 1.41 14.53 5.06
C LEU A 109 2.13 13.19 5.18
N ILE A 110 1.73 12.39 6.17
CA ILE A 110 2.38 11.10 6.36
C ILE A 110 2.14 10.23 5.13
N PRO A 111 3.16 9.58 4.58
CA PRO A 111 2.94 8.70 3.42
C PRO A 111 2.00 7.57 3.79
N GLU A 112 1.17 7.18 2.82
CA GLU A 112 0.10 6.23 3.11
C GLU A 112 0.66 4.88 3.56
N ARG A 113 1.81 4.48 3.03
CA ARG A 113 2.45 3.25 3.48
C ARG A 113 2.79 3.33 4.96
N THR A 114 3.31 4.48 5.41
CA THR A 114 3.61 4.66 6.83
C THR A 114 2.33 4.57 7.65
N VAL A 115 1.25 5.18 7.17
CA VAL A 115 -0.03 5.12 7.88
C VAL A 115 -0.45 3.67 8.07
N TRP A 116 -0.43 2.90 6.98
CA TRP A 116 -0.88 1.52 7.05
C TRP A 116 0.04 0.69 7.93
N LYS A 117 1.34 1.00 7.92
CA LYS A 117 2.30 0.22 8.72
C LYS A 117 1.92 0.22 10.19
N TYR A 118 1.45 1.35 10.71
CA TYR A 118 1.05 1.43 12.09
C TYR A 118 -0.39 0.98 12.29
N PHE A 119 -1.26 1.27 11.33
CA PHE A 119 -2.67 0.95 11.49
C PHE A 119 -2.90 -0.55 11.48
N VAL A 120 -2.11 -1.30 10.71
CA VAL A 120 -2.28 -2.75 10.68
C VAL A 120 -1.93 -3.36 12.04
N GLN A 121 -0.87 -2.86 12.68
CA GLN A 121 -0.51 -3.38 13.99
C GLN A 121 -1.54 -2.95 15.03
N LEU A 122 -2.08 -1.74 14.90
CA LEU A 122 -3.16 -1.32 15.78
C LEU A 122 -4.37 -2.24 15.65
N CYS A 123 -4.72 -2.59 14.41
CA CYS A 123 -5.85 -3.49 14.18
C CYS A 123 -5.58 -4.88 14.73
N SER A 124 -4.34 -5.36 14.60
CA SER A 124 -4.00 -6.66 15.17
C SER A 124 -4.12 -6.64 16.69
N ALA A 125 -3.68 -5.55 17.32
CA ALA A 125 -3.86 -5.42 18.76
C ALA A 125 -5.33 -5.42 19.13
N LEU A 126 -6.16 -4.72 18.36
CA LEU A 126 -7.59 -4.72 18.61
C LEU A 126 -8.18 -6.12 18.49
N GLU A 127 -7.76 -6.87 17.46
CA GLU A 127 -8.21 -8.25 17.31
C GLU A 127 -7.79 -9.09 18.51
N HIS A 128 -6.56 -8.88 18.99
CA HIS A 128 -6.09 -9.63 20.15
C HIS A 128 -6.92 -9.30 21.39
N MET A 129 -7.30 -8.03 21.55
CA MET A 129 -8.04 -7.64 22.75
C MET A 129 -9.55 -7.82 22.59
N HIS A 130 -10.10 -7.62 21.39
CA HIS A 130 -11.47 -8.01 21.14
C HIS A 130 -11.68 -9.52 21.16
N SER A 131 -10.60 -10.31 21.16
CA SER A 131 -10.73 -11.75 21.17
C SER A 131 -11.46 -12.24 22.41
N ARG A 132 -11.49 -11.42 23.46
CA ARG A 132 -12.14 -11.76 24.72
C ARG A 132 -13.29 -10.82 25.06
N ARG A 133 -13.84 -10.14 24.04
CA ARG A 133 -14.95 -9.19 24.21
C ARG A 133 -14.57 -8.08 25.20
N VAL A 134 -13.40 -7.49 24.98
CA VAL A 134 -12.86 -6.44 25.85
C VAL A 134 -12.86 -5.15 25.06
N MET A 135 -13.06 -4.04 25.75
CA MET A 135 -13.08 -2.71 25.15
C MET A 135 -12.09 -1.79 25.87
N HIS A 136 -11.58 -0.80 25.13
CA HIS A 136 -10.66 0.19 25.67
C HIS A 136 -11.39 1.47 26.09
N ARG A 137 -12.36 1.93 25.28
CA ARG A 137 -13.16 3.11 25.56
C ARG A 137 -12.34 4.40 25.46
N ASP A 138 -11.04 4.26 25.25
CA ASP A 138 -10.11 5.40 25.23
C ASP A 138 -9.20 5.32 24.01
N ILE A 139 -9.77 5.10 22.83
CA ILE A 139 -9.00 5.02 21.61
C ILE A 139 -8.70 6.44 21.13
N LYS A 140 -7.56 6.97 21.53
CA LYS A 140 -7.14 8.32 21.19
C LYS A 140 -5.65 8.32 20.90
N PRO A 141 -5.16 9.29 20.12
CA PRO A 141 -3.73 9.29 19.77
C PRO A 141 -2.80 9.44 20.97
N ALA A 142 -3.30 9.93 22.10
CA ALA A 142 -2.43 10.16 23.25
C ALA A 142 -1.96 8.85 23.87
N ASN A 143 -2.87 7.92 24.11
CA ASN A 143 -2.56 6.73 24.88
C ASN A 143 -2.00 5.60 24.04
N VAL A 144 -1.85 5.79 22.73
CA VAL A 144 -1.22 4.79 21.88
C VAL A 144 0.28 5.08 21.85
N PHE A 145 1.07 4.07 22.18
CA PHE A 145 2.50 4.24 22.41
C PHE A 145 3.32 3.60 21.30
N ILE A 146 4.47 4.19 21.01
CA ILE A 146 5.37 3.75 19.96
C ILE A 146 6.67 3.28 20.59
N THR A 147 7.11 2.07 20.22
CA THR A 147 8.35 1.53 20.72
C THR A 147 9.48 1.77 19.71
N ALA A 148 10.70 1.41 20.10
CA ALA A 148 11.85 1.61 19.22
C ALA A 148 11.76 0.75 17.97
N THR A 149 11.33 -0.50 18.12
CA THR A 149 11.23 -1.44 17.00
C THR A 149 9.94 -1.28 16.20
N GLY A 150 9.19 -0.21 16.43
CA GLY A 150 7.96 0.02 15.70
C GLY A 150 6.76 -0.76 16.18
N VAL A 151 6.91 -1.56 17.23
CA VAL A 151 5.79 -2.34 17.76
C VAL A 151 4.92 -1.42 18.61
N VAL A 152 3.62 -1.42 18.34
CA VAL A 152 2.66 -0.61 19.07
C VAL A 152 1.95 -1.48 20.09
N LYS A 153 2.00 -1.08 21.35
CA LYS A 153 1.33 -1.79 22.43
C LYS A 153 0.30 -0.85 23.05
N LEU A 154 -0.86 -1.39 23.40
CA LEU A 154 -1.94 -0.61 23.97
C LEU A 154 -2.06 -0.90 25.46
N GLY A 155 -1.97 0.16 26.28
CA GLY A 155 -2.28 0.06 27.68
C GLY A 155 -3.71 0.43 27.97
N ASP A 156 -4.07 0.34 29.25
CA ASP A 156 -5.41 0.71 29.71
C ASP A 156 -5.36 1.88 30.67
N LEU A 157 -4.38 2.79 30.49
CA LEU A 157 -4.19 3.88 31.43
C LEU A 157 -5.33 4.89 31.35
N GLY A 158 -5.48 5.54 30.19
CA GLY A 158 -6.58 6.47 30.00
C GLY A 158 -6.59 7.57 31.05
N LEU A 159 -7.75 7.78 31.66
CA LEU A 159 -7.90 8.71 32.78
C LEU A 159 -8.76 8.09 33.87
N GLY A 160 -8.56 6.81 34.14
CA GLY A 160 -9.42 6.11 35.08
C GLY A 160 -10.86 6.03 34.61
N ARG A 161 -11.05 5.73 33.32
CA ARG A 161 -12.40 5.74 32.75
C ARG A 161 -13.28 4.64 33.34
N PHE A 162 -12.69 3.48 33.63
CA PHE A 162 -13.44 2.42 34.32
C PHE A 162 -13.85 2.86 35.72
N PHE A 163 -12.98 3.56 36.44
CA PHE A 163 -13.35 4.16 37.72
C PHE A 163 -14.39 5.24 37.56
N SER A 164 -14.22 6.11 36.56
CA SER A 164 -15.17 7.18 36.27
C SER A 164 -16.16 6.76 35.19
N SER A 165 -16.88 5.69 35.47
CA SER A 165 -17.88 5.16 34.54
C SER A 165 -19.30 5.58 34.89
N LYS A 166 -19.62 5.76 36.17
CA LYS A 166 -20.94 6.19 36.61
C LYS A 166 -20.94 7.63 37.10
N THR A 167 -19.98 8.43 36.66
CA THR A 167 -19.93 9.86 37.01
C THR A 167 -19.92 10.69 35.74
N THR A 168 -20.83 10.37 34.81
CA THR A 168 -20.84 10.98 33.48
C THR A 168 -21.28 12.43 33.49
N ALA A 169 -21.76 12.96 34.61
CA ALA A 169 -22.19 14.35 34.66
C ALA A 169 -21.02 15.30 34.40
N ALA A 170 -19.85 14.99 34.97
CA ALA A 170 -18.68 15.84 34.83
C ALA A 170 -17.79 15.45 33.65
N HIS A 171 -18.21 14.49 32.84
CA HIS A 171 -17.40 14.05 31.70
C HIS A 171 -17.27 15.10 30.61
N SER A 172 -18.07 16.16 30.65
CA SER A 172 -17.91 17.25 29.70
C SER A 172 -16.62 18.04 29.94
N LEU A 173 -16.04 17.91 31.13
CA LEU A 173 -14.77 18.57 31.44
C LEU A 173 -13.59 17.63 31.51
N VAL A 174 -13.84 16.32 31.60
CA VAL A 174 -12.78 15.32 31.64
C VAL A 174 -12.81 14.56 30.32
N GLY A 175 -11.73 14.68 29.55
CA GLY A 175 -11.62 14.02 28.26
C GLY A 175 -12.04 14.93 27.12
N THR A 176 -11.60 14.55 25.92
CA THR A 176 -11.91 15.28 24.69
C THR A 176 -12.91 14.48 23.87
N PRO A 177 -14.15 14.94 23.73
CA PRO A 177 -15.13 14.18 22.95
C PRO A 177 -14.98 14.40 21.45
N TYR A 178 -13.75 14.35 20.96
CA TYR A 178 -13.50 14.45 19.53
C TYR A 178 -13.49 13.10 18.84
N TYR A 179 -13.16 12.03 19.57
CA TYR A 179 -13.02 10.70 18.98
C TYR A 179 -14.11 9.74 19.43
N MET A 180 -14.90 10.09 20.43
CA MET A 180 -15.87 9.19 21.03
C MET A 180 -17.22 9.28 20.33
N SER A 181 -18.04 8.27 20.54
CA SER A 181 -19.23 8.08 19.72
C SER A 181 -20.30 9.13 20.04
N PRO A 182 -21.06 9.57 19.03
CA PRO A 182 -22.16 10.50 19.30
C PRO A 182 -23.21 9.93 20.24
N GLU A 183 -23.44 8.61 20.18
CA GLU A 183 -24.46 8.02 21.04
C GLU A 183 -24.08 8.13 22.51
N ARG A 184 -22.79 8.06 22.83
CA ARG A 184 -22.39 8.10 24.23
C ARG A 184 -22.48 9.52 24.78
N ILE A 185 -22.44 10.54 23.92
CA ILE A 185 -22.91 11.86 24.32
C ILE A 185 -24.38 11.80 24.77
N HIS A 186 -25.23 11.19 23.95
CA HIS A 186 -26.63 11.06 24.34
C HIS A 186 -26.83 9.98 25.39
N GLU A 187 -25.77 9.32 25.84
CA GLU A 187 -25.83 8.29 26.88
C GLU A 187 -26.71 7.13 26.45
N ASN A 188 -26.50 6.67 25.21
CA ASN A 188 -27.20 5.51 24.68
C ASN A 188 -26.49 4.22 25.01
N GLY A 189 -25.48 4.25 25.87
CA GLY A 189 -24.69 3.09 26.21
C GLY A 189 -23.44 2.99 25.35
N TYR A 190 -22.46 2.27 25.88
CA TYR A 190 -21.19 2.04 25.21
C TYR A 190 -21.22 0.67 24.54
N ASN A 191 -21.05 0.65 23.22
CA ASN A 191 -21.04 -0.59 22.45
C ASN A 191 -19.70 -0.75 21.76
N PHE A 192 -19.52 -1.92 21.13
CA PHE A 192 -18.33 -2.15 20.32
C PHE A 192 -18.28 -1.19 19.14
N LYS A 193 -19.42 -0.63 18.73
CA LYS A 193 -19.45 0.32 17.62
C LYS A 193 -18.72 1.61 17.98
N SER A 194 -18.68 1.96 19.26
CA SER A 194 -17.93 3.14 19.68
C SER A 194 -16.44 2.97 19.44
N ASP A 195 -15.93 1.74 19.60
CA ASP A 195 -14.52 1.48 19.32
C ASP A 195 -14.20 1.76 17.86
N ILE A 196 -15.08 1.30 16.95
CA ILE A 196 -14.86 1.53 15.53
C ILE A 196 -15.02 3.01 15.19
N TRP A 197 -15.96 3.70 15.84
CA TRP A 197 -16.08 5.13 15.65
C TRP A 197 -14.78 5.85 16.03
N SER A 198 -14.23 5.49 17.20
CA SER A 198 -12.98 6.11 17.65
C SER A 198 -11.83 5.77 16.72
N LEU A 199 -11.78 4.53 16.24
CA LEU A 199 -10.72 4.13 15.32
C LEU A 199 -10.82 4.90 14.02
N GLY A 200 -12.04 5.10 13.51
CA GLY A 200 -12.20 5.89 12.30
C GLY A 200 -11.82 7.34 12.47
N CYS A 201 -12.17 7.93 13.62
CA CYS A 201 -11.75 9.30 13.90
C CYS A 201 -10.23 9.41 13.98
N LEU A 202 -9.60 8.44 14.65
CA LEU A 202 -8.14 8.42 14.74
C LEU A 202 -7.52 8.30 13.36
N LEU A 203 -8.08 7.44 12.51
CA LEU A 203 -7.56 7.27 11.16
C LEU A 203 -7.72 8.53 10.34
N TYR A 204 -8.84 9.23 10.49
CA TYR A 204 -9.00 10.49 9.77
C TYR A 204 -7.99 11.52 10.24
N GLU A 205 -7.75 11.59 11.55
CA GLU A 205 -6.76 12.55 12.03
C GLU A 205 -5.36 12.20 11.58
N MET A 206 -5.05 10.90 11.48
CA MET A 206 -3.79 10.49 10.87
C MET A 206 -3.72 10.95 9.42
N ALA A 207 -4.82 10.83 8.69
CA ALA A 207 -4.82 11.18 7.28
C ALA A 207 -4.63 12.68 7.08
N ALA A 208 -5.39 13.50 7.80
CA ALA A 208 -5.43 14.94 7.54
C ALA A 208 -4.85 15.78 8.67
N LEU A 209 -4.15 15.17 9.61
CA LEU A 209 -3.50 15.86 10.73
C LEU A 209 -4.49 16.67 11.55
N GLN A 210 -5.78 16.32 11.49
CA GLN A 210 -6.80 17.07 12.20
C GLN A 210 -8.02 16.19 12.40
N SER A 211 -8.70 16.35 13.53
CA SER A 211 -9.90 15.59 13.79
C SER A 211 -11.01 15.99 12.82
N PRO A 212 -11.87 15.05 12.44
CA PRO A 212 -12.97 15.39 11.50
C PRO A 212 -13.95 16.39 12.05
N PHE A 213 -14.01 16.58 13.37
CA PHE A 213 -14.96 17.49 14.01
C PHE A 213 -14.24 18.62 14.74
N TYR A 214 -13.25 19.21 14.08
CA TYR A 214 -12.52 20.33 14.64
C TYR A 214 -13.01 21.66 14.06
N GLY A 215 -13.03 22.68 14.91
CA GLY A 215 -13.46 24.01 14.48
C GLY A 215 -12.83 25.07 15.35
N ASP A 216 -12.94 26.31 14.88
CA ASP A 216 -12.39 27.46 15.59
C ASP A 216 -13.45 28.04 16.52
N LYS A 217 -13.16 28.05 17.81
CA LYS A 217 -14.06 28.57 18.84
C LYS A 217 -15.42 27.88 18.76
N MET A 218 -15.40 26.58 19.03
CA MET A 218 -16.59 25.75 19.05
C MET A 218 -16.85 25.23 20.46
N ASN A 219 -18.13 25.05 20.78
CA ASN A 219 -18.56 24.59 22.09
C ASN A 219 -19.07 23.15 21.98
N LEU A 220 -19.55 22.61 23.10
CA LEU A 220 -20.01 21.23 23.13
C LEU A 220 -21.25 21.03 22.27
N TYR A 221 -22.15 22.02 22.25
CA TYR A 221 -23.37 21.86 21.46
C TYR A 221 -23.06 21.79 19.97
N SER A 222 -22.13 22.62 19.49
CA SER A 222 -21.74 22.55 18.09
C SER A 222 -21.13 21.20 17.75
N LEU A 223 -20.32 20.67 18.68
CA LEU A 223 -19.76 19.34 18.50
C LEU A 223 -20.87 18.30 18.39
N CYS A 224 -21.88 18.40 19.27
CA CYS A 224 -23.00 17.45 19.23
C CYS A 224 -23.75 17.54 17.92
N LYS A 225 -24.00 18.77 17.45
CA LYS A 225 -24.68 18.95 16.17
C LYS A 225 -23.88 18.34 15.03
N LYS A 226 -22.58 18.58 15.00
CA LYS A 226 -21.74 18.05 13.93
C LYS A 226 -21.71 16.52 13.96
N ILE A 227 -21.55 15.93 15.15
CA ILE A 227 -21.42 14.47 15.24
C ILE A 227 -22.75 13.79 14.95
N GLU A 228 -23.87 14.42 15.29
CA GLU A 228 -25.16 13.82 14.98
C GLU A 228 -25.51 14.01 13.51
N GLN A 229 -25.03 15.08 12.89
CA GLN A 229 -25.30 15.32 11.48
C GLN A 229 -24.31 14.63 10.56
N CYS A 230 -23.22 14.07 11.09
CA CYS A 230 -22.20 13.38 10.31
C CYS A 230 -21.62 14.30 9.23
N ASP A 231 -20.98 15.36 9.70
CA ASP A 231 -20.35 16.35 8.84
C ASP A 231 -18.84 16.37 9.12
N TYR A 232 -18.05 16.29 8.04
CA TYR A 232 -16.59 16.32 8.15
C TYR A 232 -16.04 16.70 6.79
N PRO A 233 -14.94 17.45 6.72
CA PRO A 233 -14.36 17.79 5.42
C PRO A 233 -13.89 16.55 4.69
N PRO A 234 -14.06 16.50 3.37
CA PRO A 234 -13.61 15.32 2.62
C PRO A 234 -12.11 15.31 2.44
N LEU A 235 -11.53 14.12 2.50
CA LEU A 235 -10.10 13.95 2.26
C LEU A 235 -9.79 14.09 0.76
N PRO A 236 -8.63 14.66 0.42
CA PRO A 236 -8.29 14.82 -0.99
C PRO A 236 -8.11 13.47 -1.68
N SER A 237 -8.45 13.46 -2.96
CA SER A 237 -8.34 12.23 -3.75
C SER A 237 -6.93 11.96 -4.24
N ASP A 238 -6.04 12.95 -4.18
CA ASP A 238 -4.69 12.81 -4.69
C ASP A 238 -3.66 12.48 -3.62
N HIS A 239 -4.09 12.27 -2.38
CA HIS A 239 -3.16 12.04 -1.29
C HIS A 239 -3.31 10.69 -0.60
N TYR A 240 -4.52 10.18 -0.45
CA TYR A 240 -4.72 8.86 0.11
C TYR A 240 -5.62 8.05 -0.81
N SER A 241 -5.41 6.74 -0.81
CA SER A 241 -6.10 5.87 -1.74
C SER A 241 -7.58 5.75 -1.40
N GLU A 242 -8.36 5.38 -2.43
CA GLU A 242 -9.81 5.33 -2.27
C GLU A 242 -10.24 4.30 -1.24
N GLU A 243 -9.47 3.22 -1.09
CA GLU A 243 -9.84 2.21 -0.09
C GLU A 243 -9.84 2.81 1.31
N LEU A 244 -8.82 3.61 1.63
CA LEU A 244 -8.75 4.21 2.96
C LEU A 244 -9.90 5.18 3.18
N ARG A 245 -10.21 6.01 2.18
CA ARG A 245 -11.31 6.94 2.30
C ARG A 245 -12.64 6.21 2.50
N GLN A 246 -12.85 5.14 1.74
CA GLN A 246 -14.08 4.38 1.89
C GLN A 246 -14.16 3.71 3.26
N LEU A 247 -13.03 3.19 3.75
CA LEU A 247 -13.02 2.59 5.07
C LEU A 247 -13.35 3.61 6.15
N VAL A 248 -12.80 4.82 6.03
CA VAL A 248 -13.13 5.88 6.98
C VAL A 248 -14.61 6.20 6.90
N ASN A 249 -15.11 6.44 5.68
CA ASN A 249 -16.51 6.87 5.52
C ASN A 249 -17.47 5.81 6.07
N MET A 250 -17.21 4.54 5.80
CA MET A 250 -18.00 3.47 6.39
C MET A 250 -17.81 3.37 7.89
N CYS A 251 -16.63 3.76 8.39
CA CYS A 251 -16.36 3.73 9.83
C CYS A 251 -16.85 4.96 10.55
N ILE A 252 -17.01 6.08 9.85
CA ILE A 252 -17.61 7.29 10.43
C ILE A 252 -19.07 7.28 10.01
N ASN A 253 -19.92 6.68 10.85
CA ASN A 253 -21.32 6.47 10.52
C ASN A 253 -22.20 6.87 11.69
N PRO A 254 -23.17 7.79 11.50
CA PRO A 254 -24.11 8.09 12.59
C PRO A 254 -24.91 6.88 13.03
N ASP A 255 -25.24 6.00 12.10
CA ASP A 255 -26.03 4.83 12.43
C ASP A 255 -25.16 3.76 13.08
N PRO A 256 -25.47 3.32 14.30
CA PRO A 256 -24.57 2.38 14.98
C PRO A 256 -24.66 0.95 14.47
N GLU A 257 -25.79 0.52 13.92
CA GLU A 257 -25.95 -0.88 13.56
C GLU A 257 -25.52 -1.22 12.15
N LYS A 258 -25.19 -0.24 11.30
CA LYS A 258 -24.65 -0.55 9.99
C LYS A 258 -23.15 -0.28 9.90
N ARG A 259 -22.48 -0.13 11.03
CA ARG A 259 -21.03 -0.05 11.03
C ARG A 259 -20.44 -1.42 10.67
N PRO A 260 -19.23 -1.45 10.13
CA PRO A 260 -18.57 -2.76 9.89
C PRO A 260 -18.11 -3.39 11.19
N ASP A 261 -17.35 -4.48 11.08
CA ASP A 261 -16.80 -5.16 12.25
C ASP A 261 -15.29 -4.97 12.29
N VAL A 262 -14.72 -5.22 13.46
CA VAL A 262 -13.27 -5.08 13.63
C VAL A 262 -12.53 -6.09 12.77
N THR A 263 -13.10 -7.28 12.59
CA THR A 263 -12.44 -8.29 11.77
C THR A 263 -12.32 -7.83 10.33
N TYR A 264 -13.39 -7.24 9.79
CA TYR A 264 -13.36 -6.76 8.41
C TYR A 264 -12.30 -5.69 8.22
N VAL A 265 -12.26 -4.70 9.12
CA VAL A 265 -11.31 -3.61 8.95
C VAL A 265 -9.89 -4.12 9.15
N TYR A 266 -9.70 -5.07 10.06
CA TYR A 266 -8.36 -5.64 10.25
C TYR A 266 -7.89 -6.37 9.00
N ASP A 267 -8.78 -7.16 8.38
CA ASP A 267 -8.40 -7.84 7.15
C ASP A 267 -8.14 -6.85 6.02
N VAL A 268 -8.93 -5.77 5.94
CA VAL A 268 -8.69 -4.75 4.93
C VAL A 268 -7.33 -4.11 5.14
N ALA A 269 -6.98 -3.80 6.39
CA ALA A 269 -5.68 -3.23 6.68
C ALA A 269 -4.56 -4.20 6.32
N LYS A 270 -4.75 -5.49 6.62
CA LYS A 270 -3.74 -6.48 6.27
C LYS A 270 -3.52 -6.51 4.76
N ARG A 271 -4.60 -6.58 4.00
CA ARG A 271 -4.49 -6.64 2.54
C ARG A 271 -3.89 -5.36 1.98
N MET A 272 -4.21 -4.21 2.59
CA MET A 272 -3.70 -2.94 2.10
C MET A 272 -2.23 -2.78 2.41
N HIS A 273 -1.77 -3.29 3.56
CA HIS A 273 -0.37 -3.19 3.93
C HIS A 273 0.50 -4.20 3.18
N ALA A 274 -0.06 -5.38 2.87
CA ALA A 274 0.73 -6.39 2.18
C ALA A 274 1.21 -5.89 0.83
N CYS A 275 0.38 -5.10 0.13
CA CYS A 275 0.77 -4.52 -1.13
C CYS A 275 1.58 -3.24 -0.97
N THR A 276 1.79 -2.78 0.26
CA THR A 276 2.57 -1.59 0.55
C THR A 276 3.57 -1.83 1.68
N ALA A 277 4.28 -2.95 1.60
CA ALA A 277 5.28 -3.30 2.62
C ALA A 277 6.46 -2.35 2.57
N TYR B 134 -12.79 -47.46 -1.87
CA TYR B 134 -13.13 -46.52 -2.94
C TYR B 134 -12.05 -45.45 -3.13
N CYS B 135 -11.22 -45.27 -2.11
CA CYS B 135 -10.19 -44.24 -2.17
C CYS B 135 -9.24 -44.49 -3.33
N ALA B 136 -8.78 -45.74 -3.48
CA ALA B 136 -7.84 -46.06 -4.56
C ALA B 136 -8.50 -45.91 -5.92
N LYS B 137 -9.79 -46.20 -6.02
CA LYS B 137 -10.50 -46.05 -7.29
C LYS B 137 -10.48 -44.60 -7.74
N TYR B 138 -10.82 -43.68 -6.84
CA TYR B 138 -10.81 -42.26 -7.20
C TYR B 138 -9.39 -41.77 -7.44
N ARG B 139 -8.42 -42.29 -6.68
CA ARG B 139 -7.03 -41.92 -6.92
C ARG B 139 -6.59 -42.31 -8.33
N ALA B 140 -6.92 -43.53 -8.75
CA ALA B 140 -6.57 -43.96 -10.10
C ALA B 140 -7.31 -43.15 -11.15
N TYR B 141 -8.58 -42.82 -10.88
CA TYR B 141 -9.33 -42.02 -11.84
C TYR B 141 -8.70 -40.66 -12.04
N VAL B 142 -8.32 -40.00 -10.95
CA VAL B 142 -7.71 -38.68 -11.08
C VAL B 142 -6.31 -38.78 -11.67
N ARG B 143 -5.61 -39.89 -11.40
CA ARG B 143 -4.34 -40.14 -12.07
C ARG B 143 -4.50 -40.17 -13.58
N SER B 144 -5.51 -40.91 -14.04
CA SER B 144 -5.77 -40.96 -15.48
C SER B 144 -6.19 -39.61 -16.02
N ARG B 145 -7.01 -38.88 -15.26
CA ARG B 145 -7.53 -37.60 -15.76
C ARG B 145 -6.43 -36.55 -15.81
N PHE B 146 -5.59 -36.47 -14.79
CA PHE B 146 -4.55 -35.45 -14.71
C PHE B 146 -3.16 -36.01 -15.01
N GLN B 147 -3.09 -37.02 -15.86
CA GLN B 147 -1.81 -37.46 -16.41
C GLN B 147 -1.31 -36.51 -17.50
N CYS B 148 -2.19 -35.68 -18.04
CA CYS B 148 -1.84 -34.75 -19.12
C CYS B 148 -1.71 -33.35 -18.54
N ILE B 149 -0.57 -32.70 -18.82
CA ILE B 149 -0.36 -31.34 -18.36
C ILE B 149 -1.33 -30.39 -19.05
N GLU B 150 -1.47 -30.52 -20.37
CA GLU B 150 -2.49 -29.75 -21.08
C GLU B 150 -3.89 -30.23 -20.74
N ASP B 151 -4.01 -31.38 -20.06
CA ASP B 151 -5.29 -31.89 -19.57
C ASP B 151 -6.29 -32.09 -20.71
N ARG B 152 -5.80 -32.64 -21.81
CA ARG B 152 -6.61 -32.87 -23.00
C ARG B 152 -5.93 -33.94 -23.83
N ASN B 153 -6.57 -34.32 -24.93
CA ASN B 153 -5.98 -35.26 -25.88
C ASN B 153 -5.17 -34.49 -26.92
N ALA B 154 -4.34 -35.24 -27.65
CA ALA B 154 -3.48 -34.71 -28.71
C ALA B 154 -2.58 -33.60 -28.16
N ARG B 155 -1.71 -33.98 -27.22
CA ARG B 155 -0.79 -33.03 -26.57
C ARG B 155 0.29 -32.66 -27.57
N LEU B 156 -0.07 -31.76 -28.48
CA LEU B 156 0.85 -31.27 -29.53
C LEU B 156 1.42 -32.43 -30.34
N GLY B 157 0.54 -33.36 -30.72
CA GLY B 157 0.95 -34.54 -31.46
C GLY B 157 0.84 -35.81 -30.64
N GLU B 158 -0.12 -35.85 -29.72
CA GLU B 158 -0.36 -37.01 -28.86
C GLU B 158 0.90 -37.39 -28.07
N SER B 159 1.62 -36.38 -27.60
CA SER B 159 2.85 -36.60 -26.86
C SER B 159 2.57 -36.86 -25.38
N VAL B 160 3.63 -37.17 -24.65
CA VAL B 160 3.55 -37.41 -23.21
C VAL B 160 3.81 -36.10 -22.50
N SER B 161 3.01 -35.82 -21.45
CA SER B 161 3.13 -34.55 -20.74
C SER B 161 4.48 -34.41 -20.06
N LEU B 162 5.07 -35.52 -19.59
CA LEU B 162 6.35 -35.49 -18.90
C LEU B 162 6.28 -34.61 -17.66
N ASN B 163 5.49 -35.08 -16.69
CA ASN B 163 5.18 -34.33 -15.48
C ASN B 163 6.43 -33.86 -14.74
N LYS B 164 7.61 -34.34 -15.15
CA LYS B 164 8.86 -33.75 -14.71
C LYS B 164 9.00 -32.31 -15.21
N ARG B 165 8.21 -31.91 -16.21
CA ARG B 165 8.23 -30.53 -16.69
C ARG B 165 7.78 -29.55 -15.62
N TYR B 166 7.13 -30.03 -14.57
CA TYR B 166 6.76 -29.17 -13.45
C TYR B 166 7.98 -28.52 -12.84
N THR B 167 8.09 -27.21 -13.00
CA THR B 167 9.20 -26.42 -12.48
C THR B 167 8.76 -25.69 -11.22
N ARG B 168 9.54 -25.81 -10.17
CA ARG B 168 9.18 -25.19 -8.89
C ARG B 168 9.09 -23.68 -9.04
N LEU B 169 8.02 -23.11 -8.49
CA LEU B 169 7.80 -21.67 -8.50
C LEU B 169 7.95 -21.11 -7.09
N ARG B 170 8.59 -19.96 -6.98
CA ARG B 170 8.81 -19.35 -5.69
C ARG B 170 7.48 -18.92 -5.07
N LEU B 171 7.30 -19.22 -3.79
CA LEU B 171 6.12 -18.86 -3.04
C LEU B 171 6.55 -18.09 -1.80
N ILE B 172 5.90 -16.96 -1.55
CA ILE B 172 6.17 -16.14 -0.38
C ILE B 172 4.88 -15.95 0.40
N LYS B 173 5.00 -15.88 1.72
CA LYS B 173 3.85 -15.68 2.57
C LYS B 173 3.37 -14.24 2.47
N GLU B 174 2.40 -13.91 3.31
CA GLU B 174 1.86 -12.55 3.39
C GLU B 174 2.92 -11.55 3.78
N SER B 199 12.83 -16.84 2.67
CA SER B 199 12.55 -18.18 3.17
C SER B 199 11.42 -18.84 2.38
N PRO B 200 11.78 -19.78 1.51
CA PRO B 200 10.75 -20.48 0.72
C PRO B 200 9.85 -21.33 1.60
N ILE B 201 8.60 -21.45 1.19
CA ILE B 201 7.60 -22.21 1.93
C ILE B 201 7.39 -23.55 1.23
N LYS B 202 7.41 -24.63 2.02
CA LYS B 202 7.15 -25.95 1.47
C LYS B 202 5.66 -26.12 1.20
N MET B 203 5.35 -26.90 0.17
CA MET B 203 3.96 -27.16 -0.18
C MET B 203 3.23 -27.95 0.90
N GLU B 204 3.96 -28.63 1.76
CA GLU B 204 3.35 -29.34 2.88
C GLU B 204 3.12 -28.39 4.05
N LEU B 205 2.07 -28.68 4.82
CA LEU B 205 1.76 -27.97 6.06
C LEU B 205 1.51 -26.48 5.83
N LEU B 206 0.78 -26.15 4.76
CA LEU B 206 0.23 -24.80 4.65
C LEU B 206 -0.90 -24.58 5.65
N PHE B 207 -1.45 -25.66 6.18
CA PHE B 207 -2.59 -25.61 7.10
C PHE B 207 -2.14 -25.69 8.55
N ASP B 208 -0.87 -25.41 8.81
CA ASP B 208 -0.34 -25.46 10.16
C ASP B 208 -0.96 -24.36 11.01
N PRO B 209 -0.95 -24.52 12.33
CA PRO B 209 -1.46 -23.46 13.20
C PRO B 209 -0.64 -22.18 13.05
N ASP B 210 -1.29 -21.05 13.31
CA ASP B 210 -0.66 -19.75 13.13
C ASP B 210 0.48 -19.56 14.13
N ASP B 211 1.12 -18.39 14.04
CA ASP B 211 2.30 -18.13 14.86
C ASP B 211 1.98 -18.16 16.35
N GLU B 212 0.84 -17.59 16.73
CA GLU B 212 0.44 -17.50 18.13
C GLU B 212 -0.96 -18.06 18.32
N HIS B 213 -1.20 -18.60 19.51
CA HIS B 213 -2.46 -19.22 19.95
C HIS B 213 -2.74 -20.54 19.26
N SER B 214 -1.92 -20.96 18.29
CA SER B 214 -2.11 -22.21 17.56
C SER B 214 -3.51 -22.30 16.95
N GLU B 215 -3.96 -21.21 16.36
CA GLU B 215 -5.29 -21.15 15.77
C GLU B 215 -5.30 -21.84 14.41
N PRO B 216 -6.07 -22.90 14.21
CA PRO B 216 -6.10 -23.57 12.91
C PRO B 216 -6.99 -22.82 11.92
N VAL B 217 -6.52 -22.73 10.67
CA VAL B 217 -7.19 -21.98 9.63
C VAL B 217 -7.67 -22.94 8.55
N HIS B 218 -8.94 -22.81 8.18
CA HIS B 218 -9.56 -23.70 7.21
C HIS B 218 -9.61 -23.13 5.80
N THR B 219 -9.04 -21.96 5.56
CA THR B 219 -9.09 -21.35 4.25
C THR B 219 -7.72 -20.79 3.88
N VAL B 220 -7.25 -21.12 2.68
CA VAL B 220 -6.01 -20.59 2.13
C VAL B 220 -6.30 -20.07 0.73
N VAL B 221 -5.76 -18.89 0.42
CA VAL B 221 -5.98 -18.24 -0.86
C VAL B 221 -4.64 -18.02 -1.54
N PHE B 222 -4.52 -18.48 -2.78
CA PHE B 222 -3.29 -18.33 -3.55
C PHE B 222 -3.39 -17.08 -4.41
N GLN B 223 -2.37 -16.23 -4.32
CA GLN B 223 -2.40 -14.89 -4.88
C GLN B 223 -1.34 -14.75 -5.96
N GLY B 224 -1.75 -14.22 -7.11
CA GLY B 224 -0.80 -13.99 -8.19
C GLY B 224 -1.53 -13.51 -9.43
N ALA B 225 -0.76 -12.88 -10.31
CA ALA B 225 -1.32 -12.38 -11.56
C ALA B 225 -1.69 -13.56 -12.47
N ALA B 226 -2.22 -13.24 -13.65
CA ALA B 226 -2.61 -14.29 -14.58
C ALA B 226 -1.41 -14.73 -15.40
N GLY B 227 -1.44 -16.00 -15.82
CA GLY B 227 -0.33 -16.60 -16.52
C GLY B 227 0.71 -17.23 -15.63
N ILE B 228 0.60 -17.06 -14.31
CA ILE B 228 1.57 -17.65 -13.40
C ILE B 228 1.52 -19.16 -13.45
N GLY B 229 0.36 -19.74 -13.74
CA GLY B 229 0.24 -21.17 -13.88
C GLY B 229 -0.36 -21.82 -12.65
N LYS B 230 -1.15 -21.04 -11.92
CA LYS B 230 -1.77 -21.51 -10.69
C LYS B 230 -2.54 -22.80 -10.93
N THR B 231 -3.16 -22.91 -12.11
CA THR B 231 -3.85 -24.12 -12.49
C THR B 231 -2.90 -25.32 -12.58
N ILE B 232 -1.69 -25.11 -13.12
CA ILE B 232 -0.70 -26.19 -13.13
C ILE B 232 -0.32 -26.56 -11.70
N LEU B 233 -0.21 -25.58 -10.81
CA LEU B 233 0.06 -25.91 -9.41
C LEU B 233 -1.04 -26.81 -8.86
N ALA B 234 -2.30 -26.45 -9.11
CA ALA B 234 -3.41 -27.25 -8.59
C ALA B 234 -3.36 -28.67 -9.14
N ARG B 235 -3.14 -28.80 -10.45
CA ARG B 235 -3.05 -30.12 -11.04
C ARG B 235 -1.87 -30.91 -10.48
N LYS B 236 -0.76 -30.23 -10.19
CA LYS B 236 0.40 -30.91 -9.67
C LYS B 236 0.17 -31.41 -8.26
N MET B 237 -0.45 -30.61 -7.40
CA MET B 237 -0.78 -31.14 -6.08
C MET B 237 -1.80 -32.27 -6.19
N MET B 238 -2.74 -32.17 -7.14
CA MET B 238 -3.67 -33.26 -7.37
C MET B 238 -2.93 -34.56 -7.68
N LEU B 239 -2.02 -34.52 -8.65
CA LEU B 239 -1.31 -35.72 -9.05
C LEU B 239 -0.36 -36.20 -7.95
N ASP B 240 0.23 -35.25 -7.21
CA ASP B 240 1.13 -35.63 -6.13
C ASP B 240 0.39 -36.34 -5.00
N TRP B 241 -0.83 -35.89 -4.69
CA TRP B 241 -1.70 -36.69 -3.85
C TRP B 241 -1.93 -38.05 -4.48
N ALA B 242 -2.28 -38.06 -5.77
CA ALA B 242 -2.42 -39.31 -6.50
C ALA B 242 -1.11 -40.08 -6.56
N SER B 243 0.03 -39.39 -6.36
CA SER B 243 1.30 -40.07 -6.17
C SER B 243 1.48 -40.55 -4.74
N GLY B 244 0.57 -40.21 -3.83
CA GLY B 244 0.66 -40.66 -2.46
C GLY B 244 1.67 -39.91 -1.61
N THR B 245 2.10 -38.73 -2.05
CA THR B 245 3.12 -37.98 -1.34
C THR B 245 2.67 -36.61 -0.86
N LEU B 246 1.47 -36.17 -1.23
CA LEU B 246 1.00 -34.82 -0.92
C LEU B 246 -0.31 -34.91 -0.14
N TYR B 247 -0.24 -34.59 1.15
CA TYR B 247 -1.41 -34.58 2.04
C TYR B 247 -2.09 -35.95 2.08
N GLN B 248 -1.32 -37.00 1.80
CA GLN B 248 -1.90 -38.35 1.77
C GLN B 248 -2.38 -38.76 3.14
N ASP B 249 -1.61 -38.44 4.19
CA ASP B 249 -1.94 -38.92 5.53
C ASP B 249 -3.16 -38.19 6.10
N ARG B 250 -3.19 -36.86 5.95
CA ARG B 250 -4.23 -36.09 6.64
C ARG B 250 -5.52 -35.99 5.82
N PHE B 251 -5.43 -36.03 4.50
CA PHE B 251 -6.60 -35.85 3.64
C PHE B 251 -6.93 -37.15 2.93
N ASP B 252 -8.23 -37.43 2.81
CA ASP B 252 -8.72 -38.67 2.23
C ASP B 252 -9.34 -38.48 0.85
N TYR B 253 -9.96 -37.35 0.59
CA TYR B 253 -10.58 -37.10 -0.72
C TYR B 253 -10.39 -35.64 -1.08
N LEU B 254 -9.90 -35.41 -2.30
CA LEU B 254 -9.69 -34.06 -2.82
C LEU B 254 -10.56 -33.88 -4.05
N PHE B 255 -11.35 -32.81 -4.08
CA PHE B 255 -12.34 -32.59 -5.13
C PHE B 255 -12.00 -31.29 -5.85
N TYR B 256 -11.76 -31.39 -7.15
CA TYR B 256 -11.32 -30.26 -7.94
C TYR B 256 -12.52 -29.62 -8.62
N ILE B 257 -12.88 -28.42 -8.19
CA ILE B 257 -13.98 -27.67 -8.77
C ILE B 257 -13.39 -26.68 -9.76
N HIS B 258 -13.68 -26.88 -11.05
CA HIS B 258 -13.23 -25.95 -12.07
C HIS B 258 -14.22 -24.79 -12.13
N CYS B 259 -13.74 -23.58 -11.81
CA CYS B 259 -14.62 -22.45 -11.63
C CYS B 259 -15.32 -22.07 -12.94
N ARG B 260 -14.58 -22.07 -14.04
CA ARG B 260 -15.16 -21.63 -15.31
C ARG B 260 -16.25 -22.56 -15.82
N GLU B 261 -16.27 -23.82 -15.37
CA GLU B 261 -17.29 -24.76 -15.82
C GLU B 261 -18.63 -24.55 -15.14
N VAL B 262 -18.66 -23.91 -13.98
CA VAL B 262 -19.88 -23.74 -13.20
C VAL B 262 -20.48 -22.39 -13.53
N SER B 263 -21.77 -22.38 -13.86
CA SER B 263 -22.51 -21.16 -14.15
C SER B 263 -23.53 -20.90 -13.05
N LEU B 264 -23.75 -19.62 -12.76
CA LEU B 264 -24.61 -19.22 -11.66
C LEU B 264 -26.05 -18.93 -12.09
N VAL B 265 -26.44 -19.36 -13.28
CA VAL B 265 -27.82 -19.23 -13.74
C VAL B 265 -28.52 -20.57 -13.92
N THR B 266 -27.79 -21.68 -13.89
CA THR B 266 -28.38 -23.01 -13.94
C THR B 266 -28.37 -23.60 -12.55
N GLN B 267 -29.56 -23.84 -11.99
CA GLN B 267 -29.70 -24.21 -10.59
C GLN B 267 -29.44 -25.70 -10.42
N ARG B 268 -28.57 -26.04 -9.47
CA ARG B 268 -28.23 -27.44 -9.24
C ARG B 268 -27.89 -27.61 -7.76
N SER B 269 -28.13 -28.82 -7.26
CA SER B 269 -27.88 -29.16 -5.87
C SER B 269 -26.39 -29.44 -5.68
N LEU B 270 -26.04 -30.06 -4.56
CA LEU B 270 -24.67 -30.47 -4.35
C LEU B 270 -24.33 -31.66 -5.25
N GLY B 271 -24.27 -31.42 -6.55
CA GLY B 271 -23.88 -32.43 -7.51
C GLY B 271 -22.45 -32.33 -7.96
N ASP B 272 -21.71 -31.29 -7.53
CA ASP B 272 -20.33 -31.15 -7.92
C ASP B 272 -19.48 -32.30 -7.39
N LEU B 273 -19.79 -32.80 -6.19
CA LEU B 273 -19.13 -33.99 -5.68
C LEU B 273 -19.41 -35.21 -6.53
N ILE B 274 -20.46 -35.17 -7.35
CA ILE B 274 -20.82 -36.30 -8.19
C ILE B 274 -20.35 -36.11 -9.62
N MET B 275 -20.39 -34.88 -10.13
CA MET B 275 -19.95 -34.65 -11.50
C MET B 275 -18.42 -34.68 -11.60
N SER B 276 -17.74 -34.17 -10.58
CA SER B 276 -16.28 -34.14 -10.58
C SER B 276 -15.66 -35.46 -10.15
N CYS B 277 -16.46 -36.42 -9.69
CA CYS B 277 -15.95 -37.72 -9.29
C CYS B 277 -15.97 -38.65 -10.50
N CYS B 278 -15.78 -39.94 -10.27
CA CYS B 278 -15.78 -40.91 -11.36
C CYS B 278 -17.15 -40.93 -12.04
N PRO B 279 -17.18 -41.21 -13.35
CA PRO B 279 -18.41 -41.25 -14.09
C PRO B 279 -19.55 -42.07 -13.49
N ASP B 280 -19.27 -42.86 -12.46
CA ASP B 280 -20.31 -43.67 -11.83
C ASP B 280 -21.36 -42.75 -11.22
N PRO B 281 -22.64 -42.87 -11.61
CA PRO B 281 -23.63 -41.88 -11.18
C PRO B 281 -24.04 -41.99 -9.72
N ASN B 282 -23.54 -42.99 -8.98
CA ASN B 282 -23.98 -43.24 -7.61
C ASN B 282 -22.80 -43.37 -6.65
N PRO B 283 -22.05 -42.29 -6.42
CA PRO B 283 -21.03 -42.34 -5.38
C PRO B 283 -21.67 -42.42 -4.01
N PRO B 284 -21.04 -43.14 -3.08
CA PRO B 284 -21.60 -43.22 -1.72
C PRO B 284 -21.49 -41.90 -0.98
N ILE B 285 -22.34 -40.94 -1.37
CA ILE B 285 -22.21 -39.59 -0.85
C ILE B 285 -22.61 -39.51 0.62
N HIS B 286 -23.44 -40.44 1.10
CA HIS B 286 -23.88 -40.43 2.49
C HIS B 286 -22.96 -41.20 3.42
N LYS B 287 -21.97 -41.90 2.89
CA LYS B 287 -21.04 -42.71 3.67
C LYS B 287 -19.96 -41.75 4.19
N ILE B 288 -18.86 -42.28 4.74
CA ILE B 288 -17.81 -41.50 5.41
C ILE B 288 -17.35 -40.32 4.56
N VAL B 289 -17.73 -40.33 3.28
CA VAL B 289 -17.40 -39.22 2.37
C VAL B 289 -17.91 -37.90 2.94
N ARG B 290 -19.15 -37.87 3.43
CA ARG B 290 -19.73 -36.59 3.81
C ARG B 290 -19.19 -36.10 5.15
N LYS B 291 -18.52 -36.97 5.91
CA LYS B 291 -17.92 -36.60 7.19
C LYS B 291 -16.85 -35.55 6.97
N PRO B 292 -17.05 -34.32 7.45
CA PRO B 292 -16.16 -33.21 7.09
C PRO B 292 -14.79 -33.30 7.75
N SER B 293 -13.99 -32.25 7.59
CA SER B 293 -12.65 -32.07 8.15
C SER B 293 -11.61 -32.97 7.50
N ARG B 294 -11.95 -33.72 6.45
CA ARG B 294 -10.97 -34.49 5.69
C ARG B 294 -11.16 -34.33 4.20
N ILE B 295 -11.96 -33.36 3.76
CA ILE B 295 -12.26 -33.16 2.35
C ILE B 295 -11.94 -31.72 2.00
N LEU B 296 -11.19 -31.52 0.91
CA LEU B 296 -10.73 -30.23 0.48
C LEU B 296 -11.29 -29.93 -0.90
N PHE B 297 -11.60 -28.66 -1.15
CA PHE B 297 -12.15 -28.21 -2.42
C PHE B 297 -11.21 -27.21 -3.05
N LEU B 298 -10.87 -27.43 -4.32
CA LEU B 298 -10.06 -26.48 -5.06
C LEU B 298 -10.99 -25.60 -5.89
N MET B 299 -10.89 -24.30 -5.70
CA MET B 299 -11.84 -23.32 -6.22
C MET B 299 -10.99 -22.31 -6.99
N ASP B 300 -10.58 -22.68 -8.20
CA ASP B 300 -9.50 -22.01 -8.90
C ASP B 300 -10.00 -21.14 -10.04
N GLY B 301 -9.59 -19.88 -10.05
CA GLY B 301 -10.08 -18.96 -11.04
C GLY B 301 -11.36 -18.30 -10.58
N PHE B 302 -11.32 -17.65 -9.42
CA PHE B 302 -12.52 -17.05 -8.87
C PHE B 302 -13.08 -15.97 -9.80
N ASP B 303 -12.20 -15.27 -10.53
CA ASP B 303 -12.68 -14.27 -11.47
C ASP B 303 -13.40 -14.91 -12.65
N GLU B 304 -13.26 -16.23 -12.82
CA GLU B 304 -13.88 -16.90 -13.95
C GLU B 304 -15.37 -17.16 -13.76
N LEU B 305 -15.90 -16.89 -12.57
CA LEU B 305 -17.31 -17.16 -12.29
C LEU B 305 -18.15 -16.18 -13.09
N GLN B 306 -18.68 -16.65 -14.22
CA GLN B 306 -19.42 -15.78 -15.11
C GLN B 306 -20.87 -15.65 -14.67
N GLY B 307 -21.36 -14.42 -14.67
CA GLY B 307 -22.74 -14.12 -14.31
C GLY B 307 -22.83 -13.11 -13.19
N ALA B 308 -24.07 -12.81 -12.82
CA ALA B 308 -24.35 -11.83 -11.77
C ALA B 308 -24.15 -12.47 -10.41
N PHE B 309 -23.11 -12.06 -9.69
CA PHE B 309 -22.83 -12.58 -8.37
C PHE B 309 -22.84 -11.44 -7.37
N ASP B 310 -23.62 -11.60 -6.30
CA ASP B 310 -23.72 -10.62 -5.22
C ASP B 310 -23.26 -11.26 -3.93
N GLU B 311 -22.38 -10.57 -3.20
CA GLU B 311 -21.83 -11.14 -1.98
C GLU B 311 -22.83 -11.17 -0.85
N HIS B 312 -23.85 -10.30 -0.88
CA HIS B 312 -24.84 -10.20 0.20
C HIS B 312 -26.06 -10.99 -0.21
N ILE B 313 -26.25 -12.15 0.40
CA ILE B 313 -27.41 -13.00 0.17
C ILE B 313 -27.94 -13.49 1.51
N GLY B 314 -29.25 -13.52 1.65
CA GLY B 314 -29.90 -13.92 2.88
C GLY B 314 -29.98 -15.43 3.06
N PRO B 315 -30.65 -16.13 2.14
CA PRO B 315 -30.83 -17.58 2.30
C PRO B 315 -29.56 -18.38 2.04
N LEU B 316 -28.71 -18.52 3.06
CA LEU B 316 -27.45 -19.23 2.89
C LEU B 316 -27.66 -20.69 2.52
N CYS B 317 -28.79 -21.28 2.92
CA CYS B 317 -29.21 -22.61 2.48
C CYS B 317 -28.17 -23.69 2.83
N THR B 318 -28.07 -23.95 4.13
CA THR B 318 -27.34 -25.11 4.60
C THR B 318 -28.14 -26.37 4.26
N ASP B 319 -27.72 -27.52 4.80
CA ASP B 319 -28.31 -28.82 4.46
C ASP B 319 -28.15 -29.11 2.96
N TRP B 320 -26.88 -29.37 2.61
CA TRP B 320 -26.39 -29.54 1.25
C TRP B 320 -27.34 -30.27 0.31
N GLN B 321 -28.05 -31.29 0.82
CA GLN B 321 -28.94 -32.07 -0.03
C GLN B 321 -30.00 -31.19 -0.68
N LYS B 322 -30.39 -30.12 -0.02
CA LYS B 322 -31.36 -29.19 -0.59
C LYS B 322 -30.77 -28.52 -1.83
N ALA B 323 -31.46 -28.66 -2.96
CA ALA B 323 -31.04 -27.98 -4.17
C ALA B 323 -31.24 -26.48 -4.01
N GLU B 324 -30.28 -25.70 -4.51
CA GLU B 324 -30.33 -24.25 -4.36
C GLU B 324 -29.67 -23.59 -5.56
N ARG B 325 -29.91 -22.28 -5.67
CA ARG B 325 -29.23 -21.44 -6.64
C ARG B 325 -27.72 -21.59 -6.49
N GLY B 326 -27.03 -21.79 -7.62
CA GLY B 326 -25.62 -22.19 -7.57
C GLY B 326 -24.73 -21.15 -6.93
N ASP B 327 -24.95 -19.88 -7.25
CA ASP B 327 -24.14 -18.83 -6.61
C ASP B 327 -24.36 -18.81 -5.12
N ILE B 328 -25.59 -19.07 -4.67
CA ILE B 328 -25.87 -19.21 -3.26
C ILE B 328 -25.10 -20.41 -2.68
N LEU B 329 -25.00 -21.49 -3.46
CA LEU B 329 -24.26 -22.66 -3.01
C LEU B 329 -22.80 -22.31 -2.77
N LEU B 330 -22.14 -21.70 -3.75
CA LEU B 330 -20.73 -21.37 -3.59
C LEU B 330 -20.53 -20.32 -2.52
N SER B 331 -21.48 -19.38 -2.38
CA SER B 331 -21.38 -18.39 -1.32
C SER B 331 -21.46 -19.05 0.05
N SER B 332 -22.35 -20.03 0.21
CA SER B 332 -22.41 -20.76 1.47
C SER B 332 -21.14 -21.54 1.72
N LEU B 333 -20.58 -22.14 0.67
CA LEU B 333 -19.32 -22.86 0.82
C LEU B 333 -18.19 -21.94 1.28
N ILE B 334 -18.05 -20.79 0.62
CA ILE B 334 -16.95 -19.89 0.93
C ILE B 334 -17.14 -19.24 2.30
N ARG B 335 -18.38 -18.98 2.70
CA ARG B 335 -18.64 -18.46 4.04
C ARG B 335 -18.55 -19.53 5.12
N LYS B 336 -18.25 -20.78 4.73
CA LYS B 336 -18.16 -21.92 5.64
C LYS B 336 -19.48 -22.23 6.33
N LYS B 337 -20.57 -21.57 5.91
CA LYS B 337 -21.88 -21.89 6.45
C LYS B 337 -22.27 -23.32 6.08
N LEU B 338 -21.99 -23.74 4.85
CA LEU B 338 -22.26 -25.09 4.40
C LEU B 338 -21.03 -25.95 4.64
N LEU B 339 -21.23 -27.12 5.24
CA LEU B 339 -20.16 -28.07 5.53
C LEU B 339 -19.03 -27.38 6.29
N PRO B 340 -19.22 -27.05 7.56
CA PRO B 340 -18.16 -26.40 8.32
C PRO B 340 -16.93 -27.29 8.44
N GLU B 341 -15.86 -26.70 9.00
CA GLU B 341 -14.57 -27.33 9.22
C GLU B 341 -14.01 -28.01 7.98
N ALA B 342 -14.52 -27.62 6.80
CA ALA B 342 -13.96 -28.09 5.55
C ALA B 342 -12.79 -27.20 5.14
N SER B 343 -12.02 -27.68 4.17
CA SER B 343 -10.87 -26.94 3.65
C SER B 343 -11.18 -26.47 2.24
N LEU B 344 -11.04 -25.17 2.00
CA LEU B 344 -11.33 -24.59 0.70
C LEU B 344 -10.15 -23.73 0.25
N LEU B 345 -9.53 -24.13 -0.86
CA LEU B 345 -8.41 -23.40 -1.43
C LEU B 345 -8.91 -22.66 -2.66
N ILE B 346 -8.76 -21.34 -2.66
CA ILE B 346 -9.26 -20.49 -3.73
C ILE B 346 -8.09 -19.73 -4.29
N THR B 347 -7.85 -19.86 -5.59
CA THR B 347 -6.75 -19.14 -6.22
C THR B 347 -7.31 -18.23 -7.30
N THR B 348 -6.80 -17.01 -7.36
CA THR B 348 -7.33 -15.99 -8.26
C THR B 348 -6.37 -14.82 -8.33
N ARG B 349 -6.69 -13.89 -9.21
CA ARG B 349 -5.91 -12.68 -9.37
C ARG B 349 -6.11 -11.76 -8.17
N PRO B 350 -5.19 -10.82 -7.93
CA PRO B 350 -5.35 -9.91 -6.79
C PRO B 350 -6.61 -9.08 -6.85
N VAL B 351 -7.11 -8.82 -8.06
CA VAL B 351 -8.24 -7.92 -8.22
C VAL B 351 -9.50 -8.51 -7.59
N ALA B 352 -9.68 -9.82 -7.66
CA ALA B 352 -10.90 -10.47 -7.21
C ALA B 352 -11.10 -10.38 -5.70
N LEU B 353 -10.07 -9.99 -4.93
CA LEU B 353 -10.22 -9.96 -3.47
C LEU B 353 -11.19 -8.89 -3.01
N GLU B 354 -11.55 -7.93 -3.87
CA GLU B 354 -12.43 -6.84 -3.44
C GLU B 354 -13.80 -7.36 -3.05
N LYS B 355 -14.31 -8.36 -3.77
CA LYS B 355 -15.58 -8.99 -3.44
C LYS B 355 -15.39 -10.40 -2.91
N LEU B 356 -14.24 -10.68 -2.30
CA LEU B 356 -13.95 -12.02 -1.85
C LEU B 356 -13.46 -11.99 -0.40
N GLN B 357 -12.82 -10.88 0.00
CA GLN B 357 -12.28 -10.77 1.35
C GLN B 357 -13.36 -10.77 2.41
N HIS B 358 -14.58 -10.34 2.07
CA HIS B 358 -15.67 -10.35 3.05
C HIS B 358 -15.94 -11.76 3.53
N LEU B 359 -15.93 -12.73 2.61
CA LEU B 359 -16.35 -14.09 2.90
C LEU B 359 -15.26 -14.93 3.54
N LEU B 360 -14.03 -14.42 3.58
CA LEU B 360 -12.90 -15.22 4.02
C LEU B 360 -12.88 -15.45 5.53
N ASP B 361 -13.35 -14.47 6.30
CA ASP B 361 -13.33 -14.53 7.76
C ASP B 361 -11.90 -14.58 8.28
N HIS B 362 -11.23 -15.71 8.10
CA HIS B 362 -9.87 -15.91 8.60
C HIS B 362 -9.01 -16.52 7.50
N PRO B 363 -8.68 -15.76 6.48
CA PRO B 363 -7.93 -16.30 5.34
C PRO B 363 -6.45 -16.42 5.64
N ARG B 364 -5.71 -16.91 4.63
CA ARG B 364 -4.26 -17.05 4.70
C ARG B 364 -3.73 -16.86 3.27
N HIS B 365 -3.38 -15.63 2.94
CA HIS B 365 -2.99 -15.30 1.58
C HIS B 365 -1.56 -15.77 1.32
N VAL B 366 -1.33 -16.27 0.09
CA VAL B 366 -0.02 -16.74 -0.33
C VAL B 366 0.25 -16.25 -1.74
N GLU B 367 1.43 -15.68 -1.95
CA GLU B 367 1.84 -15.14 -3.25
C GLU B 367 2.73 -16.14 -3.97
N ILE B 368 2.52 -16.26 -5.27
CA ILE B 368 3.31 -17.16 -6.12
C ILE B 368 4.20 -16.31 -7.02
N LEU B 369 5.50 -16.56 -6.97
CA LEU B 369 6.46 -15.81 -7.76
C LEU B 369 6.95 -16.66 -8.93
N GLY B 370 7.24 -15.99 -10.04
CA GLY B 370 7.55 -16.65 -11.29
C GLY B 370 8.91 -17.30 -11.38
N PHE B 371 9.38 -17.52 -12.60
CA PHE B 371 10.64 -18.19 -12.84
C PHE B 371 11.82 -17.27 -12.59
N SER B 372 12.79 -17.74 -11.81
CA SER B 372 14.07 -17.08 -11.69
C SER B 372 14.99 -17.54 -12.83
N GLU B 373 16.23 -17.06 -12.83
CA GLU B 373 17.15 -17.38 -13.92
C GLU B 373 17.47 -18.87 -13.97
N ALA B 374 17.82 -19.46 -12.83
CA ALA B 374 18.12 -20.89 -12.81
C ALA B 374 16.90 -21.71 -13.13
N LYS B 375 15.75 -21.35 -12.57
CA LYS B 375 14.52 -22.09 -12.83
C LYS B 375 14.12 -21.99 -14.29
N ARG B 376 14.24 -20.81 -14.90
CA ARG B 376 13.89 -20.68 -16.30
C ARG B 376 14.89 -21.40 -17.20
N LYS B 377 16.16 -21.47 -16.79
CA LYS B 377 17.10 -22.32 -17.51
C LYS B 377 16.68 -23.79 -17.43
N GLU B 378 16.27 -24.25 -16.25
CA GLU B 378 15.81 -25.62 -16.13
C GLU B 378 14.60 -25.88 -17.02
N TYR B 379 13.67 -24.91 -17.08
CA TYR B 379 12.52 -25.06 -17.95
C TYR B 379 12.94 -25.13 -19.41
N PHE B 380 13.87 -24.26 -19.83
CA PHE B 380 14.30 -24.25 -21.22
C PHE B 380 14.95 -25.58 -21.59
N PHE B 381 15.75 -26.14 -20.68
CA PHE B 381 16.36 -27.44 -20.95
C PHE B 381 15.32 -28.56 -20.96
N LYS B 382 14.32 -28.48 -20.08
CA LYS B 382 13.26 -29.49 -20.07
C LYS B 382 12.46 -29.48 -21.36
N TYR B 383 12.11 -28.29 -21.85
CA TYR B 383 11.26 -28.19 -23.03
C TYR B 383 11.96 -28.73 -24.27
N PHE B 384 13.23 -28.40 -24.45
CA PHE B 384 13.94 -28.74 -25.67
C PHE B 384 14.83 -29.96 -25.43
N SER B 385 14.64 -31.01 -26.23
CA SER B 385 15.42 -32.23 -26.05
C SER B 385 16.85 -32.08 -26.57
N ASP B 386 17.08 -31.15 -27.49
CA ASP B 386 18.40 -30.97 -28.08
C ASP B 386 19.17 -29.92 -27.29
N GLU B 387 20.32 -30.31 -26.74
CA GLU B 387 21.11 -29.40 -25.92
C GLU B 387 21.69 -28.26 -26.77
N ALA B 388 22.14 -28.58 -27.98
CA ALA B 388 22.63 -27.53 -28.87
C ALA B 388 21.53 -26.54 -29.21
N GLN B 389 20.32 -27.05 -29.48
CA GLN B 389 19.19 -26.17 -29.73
C GLN B 389 18.85 -25.33 -28.51
N ALA B 390 18.95 -25.91 -27.31
CA ALA B 390 18.69 -25.16 -26.08
C ALA B 390 19.69 -24.02 -25.93
N ARG B 391 20.97 -24.30 -26.17
CA ARG B 391 21.98 -23.24 -26.10
C ARG B 391 21.73 -22.16 -27.15
N ALA B 392 21.33 -22.58 -28.35
CA ALA B 392 21.04 -21.60 -29.40
C ALA B 392 19.87 -20.70 -29.02
N ALA B 393 18.82 -21.29 -28.45
CA ALA B 393 17.67 -20.49 -28.02
C ALA B 393 18.05 -19.54 -26.89
N PHE B 394 18.85 -20.01 -25.94
CA PHE B 394 19.32 -19.14 -24.87
C PHE B 394 20.15 -17.98 -25.42
N SER B 395 21.03 -18.27 -26.38
CA SER B 395 21.80 -17.20 -26.99
C SER B 395 20.89 -16.21 -27.71
N LEU B 396 19.85 -16.71 -28.37
CA LEU B 396 18.90 -15.83 -29.02
C LEU B 396 18.18 -14.93 -28.03
N ILE B 397 17.78 -15.47 -26.88
CA ILE B 397 16.98 -14.68 -25.95
C ILE B 397 17.84 -13.71 -25.14
N GLN B 398 19.10 -14.06 -24.89
CA GLN B 398 19.92 -13.22 -24.00
C GLN B 398 20.19 -11.85 -24.59
N GLU B 399 20.32 -11.73 -25.91
CA GLU B 399 20.63 -10.44 -26.51
C GLU B 399 19.51 -9.44 -26.29
N ASN B 400 18.28 -9.91 -26.06
CA ASN B 400 17.15 -9.05 -25.77
C ASN B 400 16.81 -9.21 -24.29
N GLU B 401 17.25 -8.26 -23.47
CA GLU B 401 17.05 -8.37 -22.03
C GLU B 401 15.59 -8.24 -21.64
N VAL B 402 14.84 -7.39 -22.36
CA VAL B 402 13.45 -7.12 -21.98
C VAL B 402 12.62 -8.38 -22.05
N LEU B 403 12.73 -9.13 -23.15
CA LEU B 403 11.97 -10.36 -23.29
C LEU B 403 12.45 -11.40 -22.28
N PHE B 404 13.74 -11.39 -21.96
CA PHE B 404 14.26 -12.34 -20.99
C PHE B 404 13.65 -12.12 -19.62
N THR B 405 13.63 -10.87 -19.15
CA THR B 405 13.07 -10.59 -17.84
C THR B 405 11.57 -10.85 -17.81
N MET B 406 10.87 -10.46 -18.89
CA MET B 406 9.44 -10.71 -18.97
C MET B 406 9.13 -12.21 -18.96
N CYS B 407 10.12 -13.04 -19.30
CA CYS B 407 9.94 -14.48 -19.29
C CYS B 407 9.92 -15.07 -17.89
N PHE B 408 9.82 -14.24 -16.84
CA PHE B 408 9.74 -14.78 -15.49
C PHE B 408 8.37 -15.39 -15.21
N ILE B 409 7.33 -14.93 -15.91
CA ILE B 409 6.02 -15.58 -15.86
C ILE B 409 6.04 -16.75 -16.83
N PRO B 410 5.63 -17.95 -16.39
CA PRO B 410 5.80 -19.13 -17.24
C PRO B 410 5.07 -19.04 -18.57
N LEU B 411 4.03 -18.22 -18.66
CA LEU B 411 3.23 -18.18 -19.88
C LEU B 411 4.05 -17.65 -21.05
N VAL B 412 4.83 -16.59 -20.84
CA VAL B 412 5.58 -16.00 -21.93
C VAL B 412 6.71 -16.93 -22.40
N CYS B 413 7.40 -17.56 -21.45
CA CYS B 413 8.46 -18.48 -21.83
C CYS B 413 7.90 -19.70 -22.55
N TRP B 414 6.71 -20.17 -22.12
CA TRP B 414 6.05 -21.24 -22.85
C TRP B 414 5.72 -20.81 -24.27
N ILE B 415 5.23 -19.58 -24.43
CA ILE B 415 4.90 -19.07 -25.75
C ILE B 415 6.14 -19.04 -26.63
N VAL B 416 7.25 -18.54 -26.09
CA VAL B 416 8.48 -18.46 -26.86
C VAL B 416 8.97 -19.85 -27.23
N CYS B 417 8.93 -20.79 -26.28
CA CYS B 417 9.37 -22.15 -26.56
C CYS B 417 8.53 -22.79 -27.66
N THR B 418 7.21 -22.61 -27.60
CA THR B 418 6.35 -23.16 -28.64
C THR B 418 6.63 -22.52 -29.99
N GLY B 419 6.83 -21.21 -30.02
CA GLY B 419 7.16 -20.56 -31.28
C GLY B 419 8.47 -21.08 -31.87
N LEU B 420 9.49 -21.25 -31.03
CA LEU B 420 10.78 -21.74 -31.52
C LEU B 420 10.69 -23.18 -31.98
N LYS B 421 9.93 -24.02 -31.28
CA LYS B 421 9.71 -25.38 -31.77
C LYS B 421 8.99 -25.37 -33.10
N GLN B 422 7.98 -24.51 -33.24
CA GLN B 422 7.22 -24.46 -34.48
C GLN B 422 8.07 -23.96 -35.64
N GLN B 423 9.04 -23.09 -35.37
CA GLN B 423 9.88 -22.60 -36.47
C GLN B 423 11.08 -23.50 -36.76
N MET B 424 11.55 -24.30 -35.79
CA MET B 424 12.37 -25.46 -36.13
C MET B 424 11.60 -26.46 -36.98
N GLU B 425 10.30 -26.63 -36.72
CA GLU B 425 9.48 -27.41 -37.64
C GLU B 425 9.57 -26.86 -39.05
N SER B 426 9.72 -25.54 -39.19
CA SER B 426 10.02 -24.93 -40.48
C SER B 426 11.51 -24.71 -40.71
N GLY B 427 12.32 -24.80 -39.66
CA GLY B 427 13.76 -24.67 -39.80
C GLY B 427 14.24 -23.32 -40.27
N LYS B 428 13.71 -22.24 -39.69
CA LYS B 428 14.15 -20.90 -40.07
C LYS B 428 15.30 -20.46 -39.15
N SER B 429 15.65 -19.18 -39.19
CA SER B 429 16.87 -18.68 -38.56
C SER B 429 16.63 -17.98 -37.23
N LEU B 430 15.60 -18.36 -36.48
CA LEU B 430 15.38 -17.85 -35.11
C LEU B 430 15.22 -16.34 -35.08
N ALA B 431 14.17 -15.84 -35.74
CA ALA B 431 13.87 -14.42 -35.68
C ALA B 431 13.11 -14.10 -34.39
N GLN B 432 13.57 -13.08 -33.67
CA GLN B 432 12.90 -12.68 -32.42
C GLN B 432 13.20 -11.21 -32.17
N THR B 433 12.21 -10.35 -32.40
CA THR B 433 12.37 -8.91 -32.23
C THR B 433 11.18 -8.32 -31.50
N SER B 434 10.75 -8.97 -30.42
CA SER B 434 9.62 -8.47 -29.65
C SER B 434 10.09 -7.58 -28.52
N LYS B 435 9.18 -6.71 -28.05
CA LYS B 435 9.49 -5.77 -26.99
C LYS B 435 8.55 -5.87 -25.79
N THR B 436 7.26 -6.06 -26.01
CA THR B 436 6.28 -6.04 -24.93
C THR B 436 5.51 -7.36 -24.90
N THR B 437 4.64 -7.50 -23.90
CA THR B 437 3.77 -8.67 -23.83
C THR B 437 2.87 -8.74 -25.06
N THR B 438 2.38 -7.59 -25.51
CA THR B 438 1.61 -7.54 -26.74
C THR B 438 2.43 -8.04 -27.91
N ALA B 439 3.71 -7.66 -27.97
CA ALA B 439 4.57 -8.17 -29.03
C ALA B 439 4.72 -9.68 -28.93
N VAL B 440 4.83 -10.21 -27.71
CA VAL B 440 4.94 -11.65 -27.53
C VAL B 440 3.71 -12.35 -28.08
N TYR B 441 2.53 -11.85 -27.72
CA TYR B 441 1.30 -12.49 -28.18
C TYR B 441 1.14 -12.38 -29.68
N VAL B 442 1.46 -11.21 -30.25
CA VAL B 442 1.34 -11.03 -31.69
C VAL B 442 2.27 -11.98 -32.43
N PHE B 443 3.50 -12.11 -31.93
CA PHE B 443 4.44 -13.05 -32.55
C PHE B 443 3.94 -14.48 -32.44
N PHE B 444 3.36 -14.85 -31.30
CA PHE B 444 2.82 -16.19 -31.14
C PHE B 444 1.73 -16.47 -32.16
N LEU B 445 0.81 -15.53 -32.32
CA LEU B 445 -0.26 -15.71 -33.29
C LEU B 445 0.26 -15.71 -34.72
N SER B 446 1.29 -14.92 -35.01
CA SER B 446 1.89 -14.95 -36.34
C SER B 446 2.53 -16.31 -36.61
N SER B 447 3.23 -16.87 -35.61
CA SER B 447 3.87 -18.16 -35.77
C SER B 447 2.84 -19.26 -36.00
N LEU B 448 1.73 -19.22 -35.26
CA LEU B 448 0.75 -20.31 -35.35
C LEU B 448 -0.15 -20.16 -36.57
N LEU B 449 -0.80 -19.00 -36.70
CA LEU B 449 -1.92 -18.89 -37.62
C LEU B 449 -1.47 -18.62 -39.05
N GLN B 450 -0.53 -17.70 -39.25
CA GLN B 450 -0.17 -17.27 -40.59
C GLN B 450 0.35 -18.38 -41.48
N PRO B 451 1.29 -19.24 -41.05
CA PRO B 451 1.76 -20.28 -41.98
C PRO B 451 0.68 -21.28 -42.36
N LEU B 460 -8.73 -15.34 -45.27
CA LEU B 460 -8.07 -15.71 -44.02
C LEU B 460 -8.57 -14.85 -42.86
N CYS B 461 -8.82 -13.57 -43.15
CA CYS B 461 -9.29 -12.65 -42.11
C CYS B 461 -10.68 -13.01 -41.60
N ALA B 462 -11.48 -13.71 -42.42
CA ALA B 462 -12.83 -14.06 -42.02
C ALA B 462 -12.86 -14.98 -40.81
N HIS B 463 -11.87 -15.85 -40.67
CA HIS B 463 -11.79 -16.73 -39.51
C HIS B 463 -11.42 -15.98 -38.24
N LEU B 464 -10.42 -15.10 -38.33
CA LEU B 464 -10.03 -14.32 -37.16
C LEU B 464 -11.14 -13.38 -36.72
N TRP B 465 -11.85 -12.79 -37.69
CA TRP B 465 -12.96 -11.90 -37.34
C TRP B 465 -14.06 -12.65 -36.59
N GLY B 466 -14.40 -13.85 -37.07
CA GLY B 466 -15.34 -14.67 -36.35
C GLY B 466 -14.85 -15.04 -34.96
N LEU B 467 -13.57 -15.36 -34.84
CA LEU B 467 -13.00 -15.69 -33.54
C LEU B 467 -13.14 -14.53 -32.57
N CYS B 468 -12.80 -13.32 -33.03
CA CYS B 468 -12.87 -12.15 -32.16
C CYS B 468 -14.31 -11.85 -31.76
N SER B 469 -15.24 -11.92 -32.71
CA SER B 469 -16.64 -11.70 -32.38
C SER B 469 -17.14 -12.74 -31.37
N LEU B 470 -16.77 -14.00 -31.58
CA LEU B 470 -17.13 -15.06 -30.64
C LEU B 470 -16.62 -14.75 -29.24
N ALA B 471 -15.33 -14.42 -29.13
CA ALA B 471 -14.75 -14.18 -27.81
C ALA B 471 -15.41 -12.99 -27.13
N ALA B 472 -15.65 -11.92 -27.89
CA ALA B 472 -16.26 -10.72 -27.30
C ALA B 472 -17.67 -11.01 -26.82
N ASP B 473 -18.48 -11.66 -27.66
CA ASP B 473 -19.86 -11.93 -27.28
C ASP B 473 -19.92 -12.88 -26.09
N GLY B 474 -19.00 -13.86 -26.05
CA GLY B 474 -18.98 -14.77 -24.92
C GLY B 474 -18.58 -14.09 -23.62
N ILE B 475 -17.57 -13.23 -23.67
CA ILE B 475 -17.12 -12.59 -22.44
C ILE B 475 -18.15 -11.58 -21.95
N TRP B 476 -18.85 -10.89 -22.85
CA TRP B 476 -19.91 -9.99 -22.40
C TRP B 476 -21.07 -10.77 -21.80
N ASN B 477 -21.56 -11.80 -22.48
CA ASN B 477 -22.72 -12.54 -22.03
C ASN B 477 -22.40 -13.58 -20.97
N GLN B 478 -21.19 -13.52 -20.39
CA GLN B 478 -20.81 -14.37 -19.26
C GLN B 478 -20.92 -15.86 -19.61
N LYS B 479 -20.44 -16.21 -20.79
CA LYS B 479 -20.36 -17.59 -21.23
C LYS B 479 -18.98 -17.83 -21.84
N ILE B 480 -18.29 -18.88 -21.41
CA ILE B 480 -16.97 -19.23 -21.94
C ILE B 480 -16.97 -20.61 -22.59
N LEU B 481 -17.46 -21.62 -21.89
CA LEU B 481 -17.51 -22.96 -22.47
C LEU B 481 -18.54 -22.99 -23.59
N PHE B 482 -18.09 -23.38 -24.78
CA PHE B 482 -18.87 -23.24 -26.00
C PHE B 482 -19.03 -24.58 -26.69
N GLU B 483 -20.25 -24.89 -27.10
CA GLU B 483 -20.50 -26.09 -27.88
C GLU B 483 -20.21 -25.80 -29.35
N GLU B 484 -20.50 -26.78 -30.22
CA GLU B 484 -20.43 -26.54 -31.65
C GLU B 484 -21.52 -25.61 -32.14
N SER B 485 -22.63 -25.50 -31.41
CA SER B 485 -23.73 -24.64 -31.85
C SER B 485 -23.33 -23.17 -31.80
N ASP B 486 -22.75 -22.73 -30.69
CA ASP B 486 -22.32 -21.34 -30.57
C ASP B 486 -21.25 -21.01 -31.60
N LEU B 487 -20.30 -21.92 -31.78
CA LEU B 487 -19.25 -21.74 -32.78
C LEU B 487 -19.82 -21.64 -34.18
N ARG B 488 -20.81 -22.49 -34.49
CA ARG B 488 -21.47 -22.45 -35.79
C ARG B 488 -22.19 -21.13 -35.99
N ASN B 489 -22.89 -20.66 -34.95
CA ASN B 489 -23.64 -19.41 -35.07
C ASN B 489 -22.73 -18.21 -35.33
N HIS B 490 -21.44 -18.35 -35.08
CA HIS B 490 -20.46 -17.32 -35.39
C HIS B 490 -19.91 -17.44 -36.81
N GLY B 491 -20.50 -18.28 -37.64
CA GLY B 491 -20.04 -18.44 -39.01
C GLY B 491 -18.79 -19.27 -39.15
N LEU B 492 -18.47 -20.12 -38.17
CA LEU B 492 -17.30 -20.98 -38.21
C LEU B 492 -17.72 -22.40 -37.88
N GLN B 493 -17.31 -23.36 -38.71
CA GLN B 493 -17.71 -24.74 -38.49
C GLN B 493 -16.73 -25.68 -39.18
N LYS B 494 -16.69 -26.90 -38.68
CA LYS B 494 -16.07 -28.05 -39.34
C LYS B 494 -14.57 -27.89 -39.58
N ALA B 495 -14.18 -27.73 -40.85
CA ALA B 495 -12.79 -27.89 -41.24
C ALA B 495 -11.88 -26.87 -40.56
N ASP B 496 -12.26 -25.59 -40.63
CA ASP B 496 -11.43 -24.57 -39.99
C ASP B 496 -11.46 -24.70 -38.47
N VAL B 497 -12.56 -25.23 -37.93
CA VAL B 497 -12.61 -25.51 -36.50
C VAL B 497 -11.57 -26.56 -36.12
N SER B 498 -11.50 -27.63 -36.90
CA SER B 498 -10.49 -28.66 -36.65
C SER B 498 -9.09 -28.11 -36.86
N ALA B 499 -8.92 -27.18 -37.80
CA ALA B 499 -7.62 -26.55 -38.01
C ALA B 499 -7.21 -25.73 -36.78
N PHE B 500 -8.14 -24.96 -36.23
CA PHE B 500 -7.85 -24.22 -35.01
C PHE B 500 -7.64 -25.15 -33.83
N LEU B 501 -8.24 -26.34 -33.86
CA LEU B 501 -8.05 -27.30 -32.78
C LEU B 501 -6.67 -27.95 -32.85
N ARG B 502 -6.23 -28.34 -34.05
CA ARG B 502 -4.95 -29.03 -34.18
C ARG B 502 -3.79 -28.11 -33.77
N MET B 503 -3.86 -26.84 -34.16
CA MET B 503 -2.97 -25.84 -33.60
C MET B 503 -3.38 -25.56 -32.17
N ASN B 504 -2.39 -25.28 -31.32
CA ASN B 504 -2.64 -25.12 -29.89
C ASN B 504 -3.34 -23.79 -29.65
N LEU B 505 -4.62 -23.76 -30.02
CA LEU B 505 -5.47 -22.59 -29.84
C LEU B 505 -6.71 -22.84 -29.00
N PHE B 506 -7.28 -24.04 -29.08
CA PHE B 506 -8.49 -24.38 -28.32
C PHE B 506 -8.25 -25.64 -27.51
N GLN B 507 -9.20 -25.93 -26.63
CA GLN B 507 -9.17 -27.12 -25.81
C GLN B 507 -10.42 -27.95 -26.12
N LYS B 508 -10.21 -29.21 -26.48
CA LYS B 508 -11.36 -30.08 -26.76
C LYS B 508 -12.17 -30.36 -25.51
N GLU B 509 -11.59 -30.17 -24.33
CA GLU B 509 -12.26 -30.47 -23.06
C GLU B 509 -12.74 -31.92 -23.02
N VAL B 510 -11.82 -32.83 -23.35
CA VAL B 510 -12.13 -34.25 -23.39
C VAL B 510 -12.34 -34.78 -21.98
N ASP B 511 -12.17 -33.92 -20.99
CA ASP B 511 -12.36 -34.30 -19.59
C ASP B 511 -13.84 -34.45 -19.28
N CYS B 512 -14.48 -35.46 -19.88
CA CYS B 512 -15.91 -35.74 -19.70
C CYS B 512 -16.75 -34.51 -20.06
N GLU B 513 -16.42 -33.87 -21.17
CA GLU B 513 -17.11 -32.66 -21.60
C GLU B 513 -17.14 -32.60 -23.12
N LYS B 514 -18.16 -31.93 -23.65
CA LYS B 514 -18.26 -31.66 -25.08
C LYS B 514 -17.83 -30.25 -25.46
N PHE B 515 -17.79 -29.34 -24.50
CA PHE B 515 -17.58 -27.93 -24.77
C PHE B 515 -16.14 -27.66 -25.18
N TYR B 516 -15.88 -26.42 -25.60
CA TYR B 516 -14.56 -26.00 -26.06
C TYR B 516 -14.22 -24.65 -25.44
N SER B 517 -12.91 -24.42 -25.24
CA SER B 517 -12.44 -23.19 -24.63
C SER B 517 -10.99 -22.98 -25.00
N PHE B 518 -10.54 -21.74 -24.81
CA PHE B 518 -9.13 -21.41 -25.03
C PHE B 518 -8.27 -21.98 -23.90
N ILE B 519 -6.97 -22.05 -24.15
CA ILE B 519 -6.06 -22.58 -23.14
C ILE B 519 -6.03 -21.69 -21.91
N HIS B 520 -5.90 -20.38 -22.12
CA HIS B 520 -5.91 -19.42 -21.03
C HIS B 520 -6.80 -18.25 -21.40
N MET B 521 -7.54 -17.75 -20.40
CA MET B 521 -8.47 -16.66 -20.63
C MET B 521 -7.79 -15.38 -21.09
N THR B 522 -6.48 -15.26 -20.85
CA THR B 522 -5.74 -14.14 -21.42
C THR B 522 -5.85 -14.12 -22.94
N PHE B 523 -5.91 -15.29 -23.56
CA PHE B 523 -6.11 -15.34 -25.01
C PHE B 523 -7.46 -14.76 -25.39
N GLN B 524 -8.50 -15.11 -24.64
CA GLN B 524 -9.82 -14.57 -24.93
C GLN B 524 -9.85 -13.06 -24.73
N GLU B 525 -9.22 -12.57 -23.66
CA GLU B 525 -9.18 -11.13 -23.43
C GLU B 525 -8.41 -10.43 -24.54
N PHE B 526 -7.30 -11.02 -24.98
CA PHE B 526 -6.52 -10.46 -26.07
C PHE B 526 -7.32 -10.39 -27.36
N PHE B 527 -8.04 -11.47 -27.69
CA PHE B 527 -8.87 -11.46 -28.88
C PHE B 527 -9.99 -10.43 -28.77
N ALA B 528 -10.61 -10.34 -27.60
CA ALA B 528 -11.69 -9.37 -27.41
C ALA B 528 -11.18 -7.95 -27.59
N ALA B 529 -9.99 -7.66 -27.07
CA ALA B 529 -9.38 -6.36 -27.32
C ALA B 529 -9.13 -6.16 -28.80
N MET B 530 -8.65 -7.20 -29.48
CA MET B 530 -8.41 -7.10 -30.92
C MET B 530 -9.72 -6.89 -31.67
N TYR B 531 -10.83 -7.38 -31.11
CA TYR B 531 -12.11 -7.25 -31.78
C TYR B 531 -12.50 -5.80 -32.00
N TYR B 532 -12.24 -4.95 -31.00
CA TYR B 532 -12.71 -3.57 -31.04
C TYR B 532 -12.10 -2.78 -32.19
N LEU B 533 -10.95 -3.19 -32.70
CA LEU B 533 -10.27 -2.47 -33.77
C LEU B 533 -10.41 -3.15 -35.12
N LEU B 534 -11.29 -4.15 -35.24
CA LEU B 534 -11.45 -4.87 -36.49
C LEU B 534 -12.24 -4.05 -37.51
N GLU B 535 -12.22 -4.53 -38.74
CA GLU B 535 -12.95 -3.91 -39.86
C GLU B 535 -12.52 -2.47 -40.08
N LEU B 551 -21.16 -8.57 -34.36
CA LEU B 551 -21.26 -7.12 -34.20
C LEU B 551 -22.38 -6.76 -33.22
N PRO B 552 -22.20 -7.07 -31.92
CA PRO B 552 -23.23 -6.67 -30.95
C PRO B 552 -23.33 -5.16 -30.81
N SER B 553 -22.26 -4.50 -30.39
CA SER B 553 -22.25 -3.04 -30.34
C SER B 553 -20.97 -2.44 -30.91
N ARG B 554 -19.83 -3.09 -30.65
CA ARG B 554 -18.52 -2.47 -30.81
C ARG B 554 -18.47 -1.10 -30.13
N ASP B 555 -19.00 -1.04 -28.91
CA ASP B 555 -18.96 0.18 -28.11
C ASP B 555 -17.92 0.00 -27.01
N VAL B 556 -17.01 0.97 -26.91
CA VAL B 556 -15.91 0.85 -25.96
C VAL B 556 -16.11 1.76 -24.75
N THR B 557 -16.87 2.84 -24.89
CA THR B 557 -17.14 3.70 -23.74
C THR B 557 -17.84 2.92 -22.64
N VAL B 558 -18.76 2.03 -23.02
CA VAL B 558 -19.39 1.14 -22.03
C VAL B 558 -18.35 0.19 -21.46
N LEU B 559 -17.39 -0.24 -22.28
CA LEU B 559 -16.34 -1.12 -21.79
C LEU B 559 -15.55 -0.45 -20.68
N LEU B 560 -15.16 0.81 -20.88
CA LEU B 560 -14.48 1.55 -19.83
C LEU B 560 -15.39 1.86 -18.66
N GLU B 561 -16.68 2.04 -18.90
CA GLU B 561 -17.61 2.28 -17.80
C GLU B 561 -17.71 1.05 -16.90
N ASN B 562 -17.80 -0.14 -17.49
CA ASN B 562 -17.87 -1.37 -16.74
C ASN B 562 -16.50 -1.91 -16.36
N TYR B 563 -15.46 -1.08 -16.47
CA TYR B 563 -14.09 -1.50 -16.19
C TYR B 563 -13.95 -2.13 -14.81
N GLY B 564 -14.41 -1.45 -13.79
CA GLY B 564 -14.18 -1.92 -12.44
C GLY B 564 -15.10 -3.01 -11.96
N LYS B 565 -16.09 -3.39 -12.77
CA LYS B 565 -17.12 -4.32 -12.35
C LYS B 565 -16.59 -5.74 -12.35
N PHE B 566 -16.89 -6.48 -11.28
CA PHE B 566 -16.61 -7.90 -11.25
C PHE B 566 -17.45 -8.66 -12.27
N GLU B 567 -18.55 -8.05 -12.71
CA GLU B 567 -19.47 -8.67 -13.65
C GLU B 567 -18.88 -8.84 -15.03
N LYS B 568 -17.74 -8.22 -15.33
CA LYS B 568 -17.15 -8.28 -16.66
C LYS B 568 -15.77 -8.90 -16.66
N GLY B 569 -15.42 -9.65 -15.61
CA GLY B 569 -14.09 -10.24 -15.54
C GLY B 569 -12.99 -9.24 -15.26
N TYR B 570 -13.36 -8.04 -14.82
CA TYR B 570 -12.46 -6.95 -14.44
C TYR B 570 -11.79 -6.31 -15.64
N LEU B 571 -11.93 -6.93 -16.82
CA LEU B 571 -11.47 -6.36 -18.09
C LEU B 571 -10.07 -5.77 -18.02
N ILE B 572 -9.22 -6.26 -17.13
CA ILE B 572 -7.91 -5.64 -16.91
C ILE B 572 -6.91 -6.13 -17.96
N PHE B 573 -6.86 -7.44 -18.20
CA PHE B 573 -6.06 -7.91 -19.31
C PHE B 573 -6.64 -7.44 -20.64
N VAL B 574 -7.97 -7.31 -20.72
CA VAL B 574 -8.59 -6.76 -21.91
C VAL B 574 -8.04 -5.38 -22.21
N VAL B 575 -8.02 -4.51 -21.19
CA VAL B 575 -7.56 -3.15 -21.44
C VAL B 575 -6.05 -3.11 -21.64
N ARG B 576 -5.30 -3.98 -20.95
CA ARG B 576 -3.85 -3.97 -21.11
C ARG B 576 -3.46 -4.34 -22.53
N PHE B 577 -4.05 -5.41 -23.06
CA PHE B 577 -3.76 -5.78 -24.44
C PHE B 577 -4.38 -4.80 -25.42
N LEU B 578 -5.47 -4.14 -25.05
CA LEU B 578 -6.00 -3.08 -25.89
C LEU B 578 -4.98 -1.95 -26.01
N PHE B 579 -4.35 -1.58 -24.89
CA PHE B 579 -3.27 -0.60 -24.92
C PHE B 579 -2.12 -1.08 -25.77
N GLY B 580 -1.79 -2.37 -25.66
CA GLY B 580 -0.67 -2.90 -26.43
C GLY B 580 -0.91 -2.85 -27.93
N LEU B 581 -2.08 -3.32 -28.37
CA LEU B 581 -2.37 -3.38 -29.80
C LEU B 581 -2.41 -2.00 -30.43
N VAL B 582 -2.97 -1.01 -29.73
CA VAL B 582 -3.01 0.33 -30.32
C VAL B 582 -1.58 0.86 -30.34
N ASN B 583 -1.08 1.14 -31.54
CA ASN B 583 0.30 1.59 -31.71
C ASN B 583 0.48 2.00 -33.16
N GLN B 584 1.39 2.95 -33.38
CA GLN B 584 1.50 3.55 -34.70
C GLN B 584 2.17 2.64 -35.72
N GLU B 585 3.19 1.88 -35.30
CA GLU B 585 3.97 1.06 -36.24
C GLU B 585 3.19 -0.21 -36.59
N ARG B 586 2.25 -0.05 -37.50
CA ARG B 586 1.55 -1.20 -38.08
C ARG B 586 2.53 -2.05 -38.88
N THR B 587 2.46 -3.36 -38.68
CA THR B 587 3.33 -4.29 -39.37
C THR B 587 2.54 -5.10 -40.39
N SER B 588 3.19 -6.07 -41.01
CA SER B 588 2.57 -6.93 -41.99
C SER B 588 1.85 -8.08 -41.28
N TYR B 589 1.50 -9.12 -42.04
CA TYR B 589 0.83 -10.31 -41.53
C TYR B 589 -0.56 -9.95 -40.97
N LEU B 590 -1.40 -9.45 -41.86
CA LEU B 590 -2.82 -9.21 -41.63
C LEU B 590 -3.09 -8.10 -40.63
N GLU B 591 -2.12 -7.22 -40.38
CA GLU B 591 -2.41 -6.03 -39.59
C GLU B 591 -2.94 -4.89 -40.43
N LYS B 592 -3.02 -5.07 -41.75
CA LYS B 592 -3.56 -4.05 -42.64
C LYS B 592 -5.08 -3.92 -42.53
N LYS B 593 -5.77 -4.98 -42.09
CA LYS B 593 -7.23 -4.93 -41.99
C LYS B 593 -7.72 -3.94 -40.95
N LEU B 594 -6.86 -3.53 -40.02
CA LEU B 594 -7.26 -2.59 -38.98
C LEU B 594 -7.63 -1.23 -39.58
N SER B 595 -8.63 -0.59 -38.98
CA SER B 595 -9.04 0.75 -39.38
C SER B 595 -8.31 1.76 -38.52
N CYS B 596 -7.57 2.67 -39.16
CA CYS B 596 -6.77 3.63 -38.43
C CYS B 596 -7.64 4.55 -37.58
N LYS B 597 -8.72 5.07 -38.17
CA LYS B 597 -9.55 6.05 -37.48
C LYS B 597 -10.06 5.51 -36.15
N ILE B 598 -10.39 4.22 -36.11
CA ILE B 598 -10.77 3.59 -34.84
C ILE B 598 -9.60 3.65 -33.87
N SER B 599 -8.38 3.49 -34.37
CA SER B 599 -7.21 3.53 -33.51
C SER B 599 -7.01 4.92 -32.90
N GLN B 600 -7.15 5.98 -33.70
CA GLN B 600 -7.02 7.31 -33.09
C GLN B 600 -8.18 7.61 -32.15
N GLN B 601 -9.39 7.15 -32.47
CA GLN B 601 -10.51 7.36 -31.56
C GLN B 601 -10.26 6.71 -30.22
N ILE B 602 -9.82 5.45 -30.23
CA ILE B 602 -9.56 4.74 -28.98
C ILE B 602 -8.36 5.34 -28.26
N ARG B 603 -7.38 5.87 -29.01
CA ARG B 603 -6.26 6.55 -28.38
C ARG B 603 -6.73 7.77 -27.59
N LEU B 604 -7.56 8.61 -28.21
CA LEU B 604 -8.06 9.79 -27.52
C LEU B 604 -8.95 9.40 -26.35
N GLU B 605 -9.78 8.37 -26.51
CA GLU B 605 -10.64 7.93 -25.42
C GLU B 605 -9.82 7.40 -24.25
N LEU B 606 -8.74 6.66 -24.55
CA LEU B 606 -7.86 6.20 -23.48
C LEU B 606 -7.16 7.37 -22.80
N LEU B 607 -6.82 8.40 -23.58
CA LEU B 607 -6.25 9.61 -22.98
C LEU B 607 -7.23 10.24 -21.99
N LYS B 608 -8.49 10.36 -22.40
CA LYS B 608 -9.51 10.92 -21.50
C LYS B 608 -9.67 10.04 -20.26
N TRP B 609 -9.68 8.72 -20.45
CA TRP B 609 -9.82 7.82 -19.31
C TRP B 609 -8.67 8.00 -18.33
N ILE B 610 -7.43 7.95 -18.83
CA ILE B 610 -6.29 8.06 -17.94
C ILE B 610 -6.24 9.42 -17.28
N GLU B 611 -6.75 10.46 -17.95
CA GLU B 611 -6.89 11.75 -17.27
C GLU B 611 -7.89 11.66 -16.13
N VAL B 612 -9.00 10.94 -16.34
CA VAL B 612 -9.97 10.77 -15.27
C VAL B 612 -9.37 9.96 -14.12
N LYS B 613 -8.68 8.86 -14.44
CA LYS B 613 -8.08 8.05 -13.41
C LYS B 613 -6.92 8.74 -12.70
N ALA B 614 -6.39 9.81 -13.29
CA ALA B 614 -5.26 10.50 -12.69
C ALA B 614 -5.62 11.21 -11.39
N LYS B 615 -6.84 11.73 -11.29
CA LYS B 615 -7.27 12.48 -10.12
C LYS B 615 -7.80 11.59 -9.00
N ALA B 616 -7.86 10.28 -9.22
CA ALA B 616 -8.37 9.34 -8.21
C ALA B 616 -7.30 8.31 -7.93
N LYS B 617 -7.01 8.08 -6.66
CA LYS B 617 -5.96 7.14 -6.27
C LYS B 617 -6.58 5.90 -5.64
N LYS B 618 -6.20 4.74 -6.18
CA LYS B 618 -6.64 3.45 -5.67
C LYS B 618 -5.42 2.53 -5.64
N LEU B 619 -5.49 1.52 -4.78
CA LEU B 619 -4.37 0.60 -4.66
C LEU B 619 -4.70 -0.84 -5.01
N GLN B 620 -5.88 -1.34 -4.65
CA GLN B 620 -6.26 -2.70 -4.98
C GLN B 620 -7.70 -2.77 -5.45
N ILE B 621 -8.14 -1.79 -6.25
CA ILE B 621 -9.49 -1.83 -6.78
C ILE B 621 -9.45 -2.52 -8.14
N GLN B 622 -8.81 -1.87 -9.11
CA GLN B 622 -8.47 -2.45 -10.41
C GLN B 622 -7.28 -1.67 -10.97
N PRO B 623 -7.35 -0.34 -11.05
CA PRO B 623 -6.12 0.42 -11.28
C PRO B 623 -5.44 0.73 -9.96
N SER B 624 -4.12 0.83 -10.00
CA SER B 624 -3.37 1.03 -8.77
C SER B 624 -2.23 2.02 -8.93
N GLN B 625 -2.31 2.92 -9.90
CA GLN B 625 -1.26 3.90 -10.20
C GLN B 625 -0.04 3.19 -10.75
N LEU B 626 -0.08 1.86 -10.79
CA LEU B 626 0.99 1.04 -11.33
C LEU B 626 0.59 0.35 -12.63
N GLU B 627 -0.54 -0.35 -12.63
CA GLU B 627 -1.05 -0.88 -13.89
C GLU B 627 -1.40 0.23 -14.87
N LEU B 628 -1.59 1.45 -14.38
CA LEU B 628 -1.63 2.59 -15.29
C LEU B 628 -0.30 2.72 -16.02
N PHE B 629 0.80 2.62 -15.28
CA PHE B 629 2.12 2.63 -15.91
C PHE B 629 2.33 1.40 -16.78
N TYR B 630 1.81 0.24 -16.38
CA TYR B 630 1.88 -0.93 -17.23
C TYR B 630 1.20 -0.68 -18.58
N CYS B 631 -0.04 -0.21 -18.54
CA CYS B 631 -0.80 0.03 -19.75
C CYS B 631 -0.12 1.09 -20.62
N LEU B 632 0.51 2.08 -19.99
CA LEU B 632 1.29 3.03 -20.77
C LEU B 632 2.50 2.35 -21.40
N TYR B 633 3.15 1.45 -20.67
CA TYR B 633 4.36 0.82 -21.17
C TYR B 633 4.06 -0.07 -22.36
N GLU B 634 2.92 -0.76 -22.35
CA GLU B 634 2.62 -1.69 -23.43
C GLU B 634 2.57 -1.01 -24.79
N MET B 635 2.36 0.30 -24.83
CA MET B 635 2.40 1.06 -26.07
C MET B 635 3.50 2.10 -25.96
N GLN B 636 4.52 2.00 -26.81
CA GLN B 636 5.72 2.82 -26.68
C GLN B 636 5.66 4.00 -27.65
N GLU B 637 4.73 4.90 -27.37
CA GLU B 637 4.59 6.14 -28.14
C GLU B 637 5.09 7.30 -27.28
N GLU B 638 6.09 8.03 -27.81
CA GLU B 638 6.74 9.06 -27.01
C GLU B 638 5.77 10.19 -26.66
N ASP B 639 5.03 10.69 -27.66
CA ASP B 639 4.14 11.81 -27.40
C ASP B 639 2.98 11.39 -26.51
N PHE B 640 2.45 10.18 -26.72
CA PHE B 640 1.37 9.68 -25.89
C PHE B 640 1.78 9.59 -24.44
N VAL B 641 2.93 8.98 -24.16
CA VAL B 641 3.38 8.87 -22.78
C VAL B 641 3.68 10.24 -22.20
N GLN B 642 4.29 11.13 -23.00
CA GLN B 642 4.63 12.45 -22.50
C GLN B 642 3.39 13.23 -22.09
N ARG B 643 2.36 13.25 -22.94
CA ARG B 643 1.12 13.92 -22.57
C ARG B 643 0.37 13.15 -21.48
N ALA B 644 0.67 11.86 -21.31
CA ALA B 644 0.07 11.09 -20.22
C ALA B 644 0.72 11.44 -18.89
N MET B 645 1.98 11.86 -18.91
CA MET B 645 2.66 12.21 -17.67
C MET B 645 2.28 13.58 -17.16
N ASP B 646 1.70 14.43 -18.02
CA ASP B 646 1.27 15.75 -17.57
C ASP B 646 0.14 15.67 -16.56
N TYR B 647 -0.51 14.51 -16.43
CA TYR B 647 -1.56 14.29 -15.45
C TYR B 647 -1.05 13.56 -14.22
N PHE B 648 0.26 13.66 -13.94
CA PHE B 648 0.87 13.03 -12.77
C PHE B 648 1.70 14.06 -12.03
N PRO B 649 1.06 15.01 -11.34
CA PRO B 649 1.83 15.97 -10.53
C PRO B 649 2.59 15.29 -9.39
N LYS B 650 2.14 14.12 -8.95
CA LYS B 650 2.82 13.38 -7.90
C LYS B 650 2.49 11.91 -8.08
N ILE B 651 3.48 11.05 -7.83
CA ILE B 651 3.33 9.62 -8.01
C ILE B 651 3.94 8.88 -6.83
N GLU B 652 3.24 7.84 -6.37
CA GLU B 652 3.76 6.92 -5.37
C GLU B 652 3.61 5.51 -5.92
N ILE B 653 4.73 4.79 -6.02
CA ILE B 653 4.75 3.45 -6.59
C ILE B 653 5.36 2.49 -5.60
N ASN B 654 4.74 1.32 -5.44
CA ASN B 654 5.29 0.22 -4.66
C ASN B 654 5.95 -0.74 -5.64
N LEU B 655 7.28 -0.73 -5.67
CA LEU B 655 8.03 -1.54 -6.63
C LEU B 655 8.15 -2.96 -6.12
N SER B 656 7.85 -3.93 -6.98
CA SER B 656 7.81 -5.33 -6.59
C SER B 656 8.82 -6.19 -7.32
N THR B 657 8.84 -6.14 -8.65
CA THR B 657 9.71 -7.01 -9.44
C THR B 657 10.56 -6.18 -10.40
N ARG B 658 11.48 -6.85 -11.08
CA ARG B 658 12.34 -6.18 -12.04
C ARG B 658 11.53 -5.58 -13.18
N MET B 659 10.53 -6.31 -13.66
CA MET B 659 9.68 -5.78 -14.73
C MET B 659 9.09 -4.44 -14.32
N ASP B 660 8.67 -4.33 -13.06
CA ASP B 660 8.23 -3.05 -12.53
C ASP B 660 9.34 -2.01 -12.64
N HIS B 661 10.58 -2.42 -12.32
CA HIS B 661 11.68 -1.46 -12.36
C HIS B 661 11.89 -0.89 -13.75
N MET B 662 11.90 -1.76 -14.77
CA MET B 662 12.12 -1.25 -16.13
C MET B 662 10.93 -0.45 -16.63
N VAL B 663 9.69 -0.88 -16.35
CA VAL B 663 8.56 -0.09 -16.84
C VAL B 663 8.54 1.27 -16.18
N SER B 664 8.83 1.33 -14.88
CA SER B 664 8.91 2.60 -14.19
C SER B 664 10.02 3.47 -14.75
N SER B 665 11.20 2.87 -14.98
CA SER B 665 12.33 3.62 -15.52
C SER B 665 11.98 4.22 -16.87
N PHE B 666 11.33 3.43 -17.73
CA PHE B 666 10.91 3.97 -19.03
C PHE B 666 9.91 5.11 -18.84
N CYS B 667 8.94 4.93 -17.95
CA CYS B 667 7.89 5.92 -17.83
C CYS B 667 8.36 7.18 -17.12
N ILE B 668 9.20 7.02 -16.09
CA ILE B 668 9.71 8.18 -15.36
C ILE B 668 10.57 9.05 -16.27
N GLU B 669 11.33 8.41 -17.16
CA GLU B 669 12.20 9.17 -18.06
C GLU B 669 11.41 10.14 -18.93
N ASN B 670 10.14 9.86 -19.16
CA ASN B 670 9.30 10.72 -19.99
C ASN B 670 8.58 11.79 -19.17
N CYS B 671 8.88 11.90 -17.89
CA CYS B 671 8.20 12.86 -17.02
C CYS B 671 8.81 14.26 -17.20
N HIS B 672 7.93 15.25 -17.33
CA HIS B 672 8.35 16.64 -17.38
C HIS B 672 7.46 17.55 -16.55
N ARG B 673 6.42 17.02 -15.89
CA ARG B 673 5.56 17.79 -15.01
C ARG B 673 5.53 17.19 -13.62
N VAL B 674 6.48 16.32 -13.29
CA VAL B 674 6.51 15.62 -12.01
C VAL B 674 7.14 16.52 -10.96
N GLU B 675 6.61 16.48 -9.75
CA GLU B 675 7.11 17.28 -8.64
C GLU B 675 7.47 16.48 -7.40
N SER B 676 7.30 15.16 -7.42
CA SER B 676 7.68 14.32 -6.30
C SER B 676 7.78 12.88 -6.77
N LEU B 677 8.39 12.05 -5.94
CA LEU B 677 8.54 10.62 -6.25
C LEU B 677 8.77 9.86 -4.96
N SER B 678 8.13 8.70 -4.84
CA SER B 678 8.36 7.76 -3.76
C SER B 678 8.72 6.40 -4.33
N LEU B 679 9.49 5.63 -3.57
CA LEU B 679 9.93 4.30 -4.01
C LEU B 679 9.69 3.33 -2.85
N GLY B 680 8.70 2.46 -3.02
CA GLY B 680 8.44 1.39 -2.08
C GLY B 680 9.18 0.11 -2.42
N PHE B 681 10.48 0.06 -2.15
CA PHE B 681 11.25 -1.15 -2.41
C PHE B 681 10.69 -2.26 -1.54
N LEU B 682 9.94 -3.19 -2.15
CA LEU B 682 9.17 -4.17 -1.39
C LEU B 682 9.98 -5.44 -1.13
N HIS B 683 10.40 -6.12 -2.21
CA HIS B 683 11.13 -7.36 -2.09
C HIS B 683 11.86 -7.62 -3.41
N ASN B 684 12.49 -8.78 -3.50
CA ASN B 684 13.28 -9.16 -4.66
C ASN B 684 12.40 -9.55 -5.84
N SER B 725 18.77 -7.22 -4.43
CA SER B 725 18.19 -6.01 -3.89
C SER B 725 18.90 -4.77 -4.46
N SER B 726 20.22 -4.83 -4.53
CA SER B 726 21.03 -3.71 -5.02
C SER B 726 21.17 -3.80 -6.54
N PHE B 727 20.06 -3.51 -7.23
CA PHE B 727 20.06 -3.58 -8.69
C PHE B 727 19.27 -2.43 -9.31
N CYS B 728 19.01 -1.35 -8.57
CA CYS B 728 18.24 -0.25 -9.13
C CYS B 728 18.95 0.37 -10.32
N ARG B 729 20.15 0.92 -10.09
CA ARG B 729 21.05 1.40 -11.15
C ARG B 729 20.34 2.25 -12.19
N GLY B 730 19.60 1.59 -13.09
CA GLY B 730 18.91 2.31 -14.15
C GLY B 730 17.87 3.27 -13.62
N LEU B 731 17.14 2.86 -12.58
CA LEU B 731 16.11 3.72 -12.01
C LEU B 731 16.71 5.02 -11.49
N PHE B 732 17.79 4.91 -10.70
CA PHE B 732 18.42 6.10 -10.15
C PHE B 732 19.09 6.92 -11.25
N SER B 733 19.59 6.25 -12.28
CA SER B 733 20.16 6.97 -13.41
C SER B 733 19.09 7.79 -14.12
N VAL B 734 17.87 7.26 -14.20
CA VAL B 734 16.79 7.98 -14.88
C VAL B 734 16.43 9.25 -14.14
N LEU B 735 16.28 9.16 -12.81
CA LEU B 735 15.82 10.31 -12.04
C LEU B 735 16.84 11.43 -12.03
N SER B 736 18.13 11.10 -12.08
CA SER B 736 19.15 12.15 -12.07
C SER B 736 19.06 13.04 -13.29
N THR B 737 18.60 12.50 -14.42
CA THR B 737 18.48 13.29 -15.64
C THR B 737 17.26 14.19 -15.65
N SER B 738 16.31 13.99 -14.73
CA SER B 738 15.10 14.79 -14.72
C SER B 738 15.42 16.24 -14.37
N GLN B 739 14.60 17.15 -14.91
CA GLN B 739 14.76 18.57 -14.64
C GLN B 739 13.66 19.15 -13.75
N SER B 740 12.61 18.39 -13.49
CA SER B 740 11.45 18.91 -12.78
C SER B 740 11.26 18.33 -11.38
N LEU B 741 12.05 17.33 -10.99
CA LEU B 741 11.91 16.75 -9.66
C LEU B 741 12.39 17.74 -8.60
N THR B 742 11.59 17.93 -7.57
CA THR B 742 11.96 18.79 -6.45
C THR B 742 12.04 18.03 -5.14
N GLU B 743 10.99 17.31 -4.76
CA GLU B 743 10.98 16.52 -3.54
C GLU B 743 11.16 15.06 -3.92
N LEU B 744 12.05 14.37 -3.20
CA LEU B 744 12.32 12.96 -3.45
C LEU B 744 12.32 12.26 -2.10
N ASP B 745 11.16 11.76 -1.70
CA ASP B 745 11.03 11.09 -0.41
C ASP B 745 11.30 9.60 -0.55
N LEU B 746 12.15 9.07 0.32
CA LEU B 746 12.52 7.66 0.36
C LEU B 746 12.33 7.13 1.76
N SER B 747 11.19 7.45 2.36
CA SER B 747 10.98 7.21 3.77
C SER B 747 10.31 5.85 4.01
N ASP B 748 10.65 5.26 5.15
CA ASP B 748 10.02 4.03 5.65
C ASP B 748 10.19 2.87 4.68
N ASN B 749 11.36 2.79 4.04
CA ASN B 749 11.74 1.61 3.27
C ASN B 749 13.19 1.25 3.58
N SER B 750 13.44 -0.05 3.76
CA SER B 750 14.74 -0.53 4.22
C SER B 750 15.73 -0.53 3.06
N LEU B 751 16.18 0.66 2.71
CA LEU B 751 17.21 0.83 1.68
C LEU B 751 18.57 0.54 2.32
N GLY B 752 19.26 -0.46 1.81
CA GLY B 752 20.54 -0.86 2.38
C GLY B 752 21.61 0.19 2.19
N ASP B 753 22.67 0.05 2.98
CA ASP B 753 23.79 0.98 2.88
C ASP B 753 24.44 0.98 1.50
N PRO B 754 24.77 -0.17 0.90
CA PRO B 754 25.29 -0.11 -0.49
C PRO B 754 24.32 0.51 -1.46
N GLY B 755 23.01 0.31 -1.24
CA GLY B 755 22.03 1.01 -2.05
C GLY B 755 22.15 2.52 -1.90
N MET B 756 22.41 2.99 -0.68
CA MET B 756 22.58 4.42 -0.50
C MET B 756 23.86 4.91 -1.15
N ARG B 757 24.93 4.11 -1.14
CA ARG B 757 26.12 4.49 -1.90
C ARG B 757 25.79 4.62 -3.38
N VAL B 758 25.06 3.64 -3.92
CA VAL B 758 24.66 3.67 -5.32
C VAL B 758 23.86 4.93 -5.62
N LEU B 759 22.94 5.28 -4.73
CA LEU B 759 22.20 6.52 -4.89
C LEU B 759 23.14 7.72 -4.85
N CYS B 760 24.16 7.66 -4.00
CA CYS B 760 25.10 8.76 -3.85
C CYS B 760 25.83 9.04 -5.17
N GLU B 761 26.30 7.99 -5.83
CA GLU B 761 26.96 8.20 -7.12
C GLU B 761 26.00 8.80 -8.13
N THR B 762 24.73 8.41 -8.08
CA THR B 762 23.75 8.97 -9.00
C THR B 762 23.43 10.41 -8.68
N LEU B 763 23.61 10.83 -7.42
CA LEU B 763 23.34 12.19 -7.01
C LEU B 763 24.51 13.14 -7.23
N GLN B 764 25.65 12.65 -7.69
CA GLN B 764 26.81 13.51 -7.88
C GLN B 764 26.83 14.14 -9.26
N HIS B 765 25.84 13.88 -10.10
CA HIS B 765 25.78 14.49 -11.41
C HIS B 765 25.48 15.99 -11.30
N PRO B 766 26.08 16.82 -12.15
CA PRO B 766 25.76 18.26 -12.11
C PRO B 766 24.31 18.59 -12.39
N GLY B 767 23.64 17.84 -13.26
CA GLY B 767 22.28 18.16 -13.63
C GLY B 767 21.22 17.40 -12.85
N CYS B 768 21.52 17.10 -11.58
CA CYS B 768 20.59 16.35 -10.75
C CYS B 768 19.29 17.13 -10.52
N ASN B 769 19.41 18.37 -10.08
CA ASN B 769 18.29 19.28 -9.86
C ASN B 769 17.30 18.75 -8.82
N ILE B 770 17.79 18.13 -7.76
CA ILE B 770 16.97 17.76 -6.61
C ILE B 770 17.17 18.79 -5.52
N ARG B 771 16.06 19.29 -4.96
CA ARG B 771 16.12 20.28 -3.90
C ARG B 771 15.92 19.71 -2.51
N ARG B 772 15.13 18.64 -2.37
CA ARG B 772 14.77 18.10 -1.07
C ARG B 772 15.10 16.62 -1.00
N LEU B 773 15.61 16.18 0.14
CA LEU B 773 15.81 14.76 0.41
C LEU B 773 15.16 14.42 1.75
N TRP B 774 14.18 13.53 1.70
CA TRP B 774 13.53 13.03 2.91
C TRP B 774 13.93 11.58 3.10
N LEU B 775 14.63 11.29 4.20
CA LEU B 775 15.15 9.96 4.47
C LEU B 775 14.59 9.49 5.82
N GLY B 776 13.56 8.64 5.76
CA GLY B 776 12.93 8.15 6.96
C GLY B 776 13.71 7.06 7.66
N ARG B 777 12.98 6.09 8.23
CA ARG B 777 13.60 4.98 8.97
C ARG B 777 14.12 3.95 7.98
N CYS B 778 15.32 4.21 7.46
CA CYS B 778 15.96 3.31 6.51
C CYS B 778 16.92 2.33 7.16
N GLY B 779 17.12 2.41 8.47
CA GLY B 779 18.06 1.52 9.14
C GLY B 779 19.48 1.65 8.64
N LEU B 780 19.97 2.88 8.49
CA LEU B 780 21.27 3.13 7.92
C LEU B 780 22.38 2.93 8.95
N SER B 781 23.62 3.13 8.50
CA SER B 781 24.79 3.07 9.34
C SER B 781 25.69 4.27 9.04
N HIS B 782 26.78 4.39 9.79
CA HIS B 782 27.68 5.54 9.64
C HIS B 782 28.53 5.45 8.39
N GLU B 783 28.62 4.28 7.77
CA GLU B 783 29.48 4.12 6.59
C GLU B 783 29.00 4.99 5.44
N CYS B 784 27.70 5.05 5.21
CA CYS B 784 27.15 5.84 4.12
C CYS B 784 27.40 7.33 4.28
N CYS B 785 27.69 7.79 5.50
CA CYS B 785 27.81 9.23 5.74
C CYS B 785 28.96 9.83 4.93
N PHE B 786 30.08 9.11 4.83
CA PHE B 786 31.20 9.59 4.01
C PHE B 786 30.76 9.81 2.57
N ASP B 787 29.98 8.87 2.03
CA ASP B 787 29.41 9.05 0.69
C ASP B 787 28.49 10.26 0.66
N ILE B 788 27.68 10.43 1.70
CA ILE B 788 26.82 11.61 1.79
C ILE B 788 27.65 12.87 1.82
N SER B 789 28.75 12.86 2.58
CA SER B 789 29.61 14.04 2.66
C SER B 789 30.20 14.38 1.30
N LEU B 790 30.69 13.37 0.57
CA LEU B 790 31.20 13.62 -0.77
C LEU B 790 30.12 14.16 -1.69
N VAL B 791 28.89 13.66 -1.54
CA VAL B 791 27.78 14.19 -2.32
C VAL B 791 27.56 15.67 -2.03
N LEU B 792 27.55 16.02 -0.73
CA LEU B 792 27.35 17.41 -0.35
C LEU B 792 28.48 18.29 -0.87
N SER B 793 29.71 17.79 -0.80
CA SER B 793 30.84 18.55 -1.32
C SER B 793 30.74 18.81 -2.81
N SER B 794 29.92 18.03 -3.53
CA SER B 794 29.75 18.18 -4.96
C SER B 794 28.37 18.66 -5.38
N ASN B 795 27.38 18.59 -4.49
CA ASN B 795 26.01 18.97 -4.84
C ASN B 795 25.76 20.41 -4.42
N GLN B 796 25.23 21.21 -5.34
CA GLN B 796 24.89 22.60 -5.05
C GLN B 796 23.39 22.89 -5.19
N LYS B 797 22.62 21.97 -5.76
CA LYS B 797 21.19 22.19 -5.91
C LYS B 797 20.40 21.87 -4.64
N LEU B 798 20.94 21.00 -3.79
CA LEU B 798 20.20 20.56 -2.61
C LEU B 798 19.93 21.74 -1.68
N VAL B 799 18.75 21.74 -1.07
CA VAL B 799 18.31 22.81 -0.18
C VAL B 799 18.20 22.34 1.27
N GLU B 800 17.60 21.18 1.49
CA GLU B 800 17.57 20.59 2.83
C GLU B 800 17.55 19.08 2.73
N LEU B 801 17.92 18.44 3.83
CA LEU B 801 18.05 16.99 3.91
C LEU B 801 17.57 16.53 5.26
N ASP B 802 17.12 15.27 5.32
CA ASP B 802 16.66 14.67 6.56
C ASP B 802 17.45 13.41 6.85
N LEU B 803 17.65 13.14 8.14
CA LEU B 803 18.28 11.92 8.63
C LEU B 803 17.51 11.37 9.82
N SER B 804 16.20 11.51 9.78
CA SER B 804 15.36 11.07 10.89
C SER B 804 15.33 9.55 10.99
N ASP B 805 15.24 9.08 12.24
CA ASP B 805 15.06 7.66 12.55
C ASP B 805 16.17 6.80 11.93
N ASN B 806 17.39 7.03 12.39
CA ASN B 806 18.55 6.28 11.92
C ASN B 806 19.45 5.97 13.10
N ALA B 807 20.38 5.04 12.88
CA ALA B 807 21.44 4.73 13.83
C ALA B 807 22.72 5.51 13.51
N LEU B 808 22.57 6.71 12.95
CA LEU B 808 23.70 7.52 12.51
C LEU B 808 24.47 8.06 13.71
N GLY B 809 25.52 7.36 14.10
CA GLY B 809 26.24 7.66 15.32
C GLY B 809 27.13 8.88 15.21
N ASP B 810 27.92 9.07 16.27
CA ASP B 810 28.80 10.24 16.35
C ASP B 810 29.86 10.23 15.27
N PHE B 811 30.40 9.04 14.96
CA PHE B 811 31.41 8.95 13.90
C PHE B 811 30.83 9.34 12.54
N GLY B 812 29.60 8.89 12.26
CA GLY B 812 28.98 9.22 10.99
C GLY B 812 28.72 10.71 10.85
N ILE B 813 28.21 11.34 11.91
CA ILE B 813 27.98 12.78 11.84
C ILE B 813 29.30 13.53 11.77
N ARG B 814 30.35 13.03 12.44
CA ARG B 814 31.66 13.65 12.33
C ARG B 814 32.17 13.59 10.90
N LEU B 815 31.97 12.45 10.23
CA LEU B 815 32.33 12.34 8.82
C LEU B 815 31.52 13.31 7.97
N LEU B 816 30.22 13.44 8.27
CA LEU B 816 29.37 14.36 7.52
C LEU B 816 29.80 15.80 7.71
N CYS B 817 30.35 16.14 8.89
CA CYS B 817 30.75 17.52 9.15
C CYS B 817 31.83 17.99 8.19
N VAL B 818 32.68 17.08 7.71
CA VAL B 818 33.71 17.47 6.76
C VAL B 818 33.08 18.02 5.48
N GLY B 819 32.09 17.30 4.95
CA GLY B 819 31.38 17.78 3.78
C GLY B 819 30.54 19.01 4.07
N LEU B 820 29.94 19.08 5.25
CA LEU B 820 29.12 20.24 5.60
C LEU B 820 29.96 21.50 5.63
N LYS B 821 31.13 21.45 6.28
CA LYS B 821 32.00 22.61 6.38
C LYS B 821 32.58 23.01 5.04
N HIS B 822 32.55 22.12 4.05
CA HIS B 822 33.16 22.40 2.76
C HIS B 822 32.48 23.58 2.08
N LEU B 823 33.23 24.25 1.22
CA LEU B 823 32.74 25.44 0.55
C LEU B 823 31.60 25.09 -0.42
N LEU B 824 30.73 26.08 -0.65
CA LEU B 824 29.59 25.95 -1.57
C LEU B 824 28.61 24.88 -1.12
N CYS B 825 28.49 24.69 0.19
CA CYS B 825 27.50 23.78 0.76
C CYS B 825 26.26 24.60 1.08
N ASN B 826 25.24 24.51 0.23
CA ASN B 826 24.13 25.46 0.22
C ASN B 826 22.87 24.89 0.89
N LEU B 827 23.02 24.02 1.88
CA LEU B 827 21.85 23.54 2.58
C LEU B 827 21.34 24.63 3.53
N LYS B 828 20.05 24.59 3.82
CA LYS B 828 19.42 25.56 4.71
C LYS B 828 18.70 24.93 5.90
N LYS B 829 18.21 23.70 5.76
CA LYS B 829 17.53 23.01 6.85
C LYS B 829 18.10 21.61 6.99
N LEU B 830 18.02 21.07 8.20
CA LEU B 830 18.54 19.74 8.46
C LEU B 830 17.82 19.16 9.68
N TRP B 831 17.54 17.86 9.63
CA TRP B 831 16.90 17.15 10.72
C TRP B 831 17.83 16.06 11.23
N LEU B 832 17.82 15.86 12.54
CA LEU B 832 18.60 14.80 13.20
C LEU B 832 17.73 14.08 14.21
N VAL B 833 16.53 13.70 13.79
CA VAL B 833 15.53 13.15 14.70
C VAL B 833 16.00 11.77 15.17
N SER B 834 16.29 11.66 16.47
CA SER B 834 16.64 10.39 17.12
C SER B 834 17.78 9.68 16.39
N CYS B 835 18.93 10.35 16.33
CA CYS B 835 20.11 9.80 15.68
C CYS B 835 21.08 9.17 16.66
N CYS B 836 20.63 8.87 17.89
CA CYS B 836 21.48 8.26 18.92
C CYS B 836 22.74 9.09 19.15
N LEU B 837 22.56 10.40 19.19
CA LEU B 837 23.67 11.34 19.31
C LEU B 837 24.09 11.51 20.76
N THR B 838 25.32 12.00 20.93
CA THR B 838 25.90 12.29 22.24
C THR B 838 26.56 13.66 22.19
N SER B 839 26.64 14.32 23.34
CA SER B 839 27.24 15.65 23.44
C SER B 839 28.65 15.71 22.84
N ALA B 840 29.30 14.56 22.63
CA ALA B 840 30.60 14.56 21.97
C ALA B 840 30.49 15.08 20.54
N CYS B 841 29.43 14.69 19.83
CA CYS B 841 29.25 15.16 18.47
C CYS B 841 28.90 16.64 18.40
N CYS B 842 28.47 17.22 19.52
CA CYS B 842 28.08 18.63 19.53
C CYS B 842 29.26 19.54 19.20
N GLN B 843 30.47 19.14 19.62
CA GLN B 843 31.66 19.92 19.26
C GLN B 843 31.82 20.00 17.76
N ASP B 844 31.58 18.88 17.07
CA ASP B 844 31.59 18.89 15.60
C ASP B 844 30.49 19.80 15.06
N LEU B 845 29.29 19.73 15.64
CA LEU B 845 28.22 20.61 15.20
C LEU B 845 28.56 22.08 15.46
N ALA B 846 29.19 22.37 16.59
CA ALA B 846 29.62 23.73 16.87
C ALA B 846 30.65 24.20 15.85
N SER B 847 31.58 23.32 15.49
CA SER B 847 32.56 23.67 14.46
C SER B 847 31.87 23.93 13.13
N VAL B 848 30.85 23.13 12.79
CA VAL B 848 30.11 23.36 11.56
C VAL B 848 29.43 24.72 11.60
N LEU B 849 28.77 25.03 12.72
CA LEU B 849 28.11 26.32 12.86
C LEU B 849 29.12 27.46 12.76
N SER B 850 30.36 27.21 13.17
CA SER B 850 31.39 28.24 13.12
C SER B 850 31.63 28.72 11.70
N THR B 851 31.74 27.79 10.76
CA THR B 851 32.05 28.13 9.37
C THR B 851 30.79 28.21 8.51
N SER B 852 29.90 27.23 8.63
CA SER B 852 28.70 27.17 7.79
C SER B 852 27.76 28.31 8.17
N HIS B 853 27.40 29.12 7.19
CA HIS B 853 26.54 30.28 7.42
C HIS B 853 25.15 30.14 6.79
N SER B 854 25.04 29.40 5.68
CA SER B 854 23.80 29.37 4.93
C SER B 854 22.69 28.61 5.65
N LEU B 855 23.04 27.56 6.40
CA LEU B 855 22.03 26.76 7.07
C LEU B 855 21.34 27.59 8.14
N THR B 856 20.03 27.40 8.25
CA THR B 856 19.25 28.19 9.19
C THR B 856 18.41 27.33 10.13
N ARG B 857 17.84 26.24 9.65
CA ARG B 857 16.96 25.39 10.45
C ARG B 857 17.73 24.17 10.91
N LEU B 858 17.88 24.03 12.23
CA LEU B 858 18.64 22.93 12.81
C LEU B 858 17.77 22.25 13.85
N TYR B 859 17.24 21.08 13.52
CA TYR B 859 16.41 20.32 14.44
C TYR B 859 17.19 19.07 14.85
N VAL B 860 17.54 19.00 16.13
CA VAL B 860 18.30 17.87 16.65
C VAL B 860 17.39 17.19 17.66
N GLY B 861 16.09 17.18 17.37
CA GLY B 861 15.13 16.63 18.30
C GLY B 861 15.29 15.14 18.49
N GLU B 862 14.71 14.65 19.59
CA GLU B 862 14.74 13.24 19.98
C GLU B 862 16.17 12.76 20.20
N ASN B 863 17.09 13.67 20.50
CA ASN B 863 18.50 13.34 20.72
C ASN B 863 18.87 13.66 22.15
N ALA B 864 19.73 12.82 22.73
CA ALA B 864 20.12 12.95 24.13
C ALA B 864 21.36 13.83 24.26
N LEU B 865 21.13 15.14 24.25
CA LEU B 865 22.19 16.13 24.40
C LEU B 865 22.29 16.52 25.87
N GLY B 866 23.50 16.44 26.41
CA GLY B 866 23.75 16.94 27.74
C GLY B 866 23.88 18.46 27.76
N ASP B 867 23.89 19.00 28.98
CA ASP B 867 24.02 20.45 29.12
C ASP B 867 25.38 20.93 28.64
N SER B 868 26.41 20.09 28.76
CA SER B 868 27.72 20.45 28.23
C SER B 868 27.68 20.63 26.71
N GLY B 869 27.00 19.71 26.02
CA GLY B 869 26.84 19.87 24.58
C GLY B 869 26.04 21.10 24.23
N VAL B 870 25.04 21.44 25.04
CA VAL B 870 24.27 22.67 24.81
C VAL B 870 25.17 23.89 24.95
N ALA B 871 26.04 23.89 25.97
CA ALA B 871 26.97 25.00 26.13
C ALA B 871 27.94 25.09 24.97
N ILE B 872 28.43 23.95 24.48
CA ILE B 872 29.33 23.96 23.32
C ILE B 872 28.61 24.51 22.10
N LEU B 873 27.33 24.19 21.94
CA LEU B 873 26.56 24.76 20.85
C LEU B 873 26.40 26.26 21.00
N CYS B 874 26.09 26.72 22.22
CA CYS B 874 25.72 28.12 22.40
C CYS B 874 26.93 29.04 22.30
N GLU B 875 28.08 28.59 22.81
CA GLU B 875 29.25 29.47 22.85
C GLU B 875 29.62 29.96 21.45
N LYS B 876 29.36 29.15 20.42
CA LYS B 876 29.53 29.61 19.06
C LYS B 876 28.22 30.16 18.49
N ALA B 877 27.07 29.67 18.95
CA ALA B 877 25.80 30.25 18.55
C ALA B 877 25.62 31.66 19.10
N LYS B 878 26.42 32.04 20.10
CA LYS B 878 26.31 33.37 20.68
C LYS B 878 26.77 34.44 19.71
N ASN B 879 27.73 34.13 18.84
CA ASN B 879 28.29 35.13 17.94
C ASN B 879 27.20 35.69 17.03
N PRO B 880 27.11 37.01 16.88
CA PRO B 880 26.06 37.60 16.05
C PRO B 880 26.16 37.24 14.57
N GLN B 881 27.33 36.77 14.10
CA GLN B 881 27.46 36.45 12.68
C GLN B 881 26.62 35.24 12.30
N CYS B 882 26.42 34.31 13.23
CA CYS B 882 25.67 33.09 12.90
C CYS B 882 24.24 33.43 12.53
N ASN B 883 23.69 32.65 11.60
CA ASN B 883 22.35 32.89 11.07
C ASN B 883 21.37 31.79 11.49
N LEU B 884 21.54 31.23 12.67
CA LEU B 884 20.59 30.23 13.17
C LEU B 884 19.23 30.87 13.40
N GLN B 885 18.17 30.16 13.04
CA GLN B 885 16.81 30.66 13.18
C GLN B 885 15.93 29.80 14.07
N LYS B 886 16.04 28.48 14.00
CA LYS B 886 15.30 27.59 14.86
C LYS B 886 16.23 26.57 15.50
N LEU B 887 15.79 26.05 16.64
CA LEU B 887 16.59 25.10 17.42
C LEU B 887 15.61 24.13 18.07
N GLY B 888 15.42 22.98 17.46
CA GLY B 888 14.42 22.05 17.92
C GLY B 888 14.92 20.99 18.88
N LEU B 889 15.74 21.38 19.85
CA LEU B 889 16.18 20.45 20.89
C LEU B 889 15.00 20.18 21.82
N VAL B 890 14.06 19.39 21.32
CA VAL B 890 12.79 19.21 22.00
C VAL B 890 12.88 18.13 23.08
N ASN B 891 13.12 16.89 22.69
CA ASN B 891 13.27 15.80 23.65
C ASN B 891 14.75 15.57 23.95
N SER B 892 15.40 16.64 24.39
CA SER B 892 16.83 16.63 24.65
C SER B 892 17.16 16.46 26.13
N GLY B 893 16.16 16.33 27.00
CA GLY B 893 16.40 16.18 28.41
C GLY B 893 17.15 17.34 29.03
N LEU B 894 16.86 18.56 28.59
CA LEU B 894 17.57 19.73 29.07
C LEU B 894 17.18 20.04 30.50
N THR B 895 18.10 20.71 31.21
CA THR B 895 17.89 21.06 32.61
C THR B 895 17.97 22.56 32.81
N SER B 896 17.91 23.00 34.06
CA SER B 896 18.00 24.43 34.35
C SER B 896 19.39 25.00 34.07
N VAL B 897 20.41 24.13 33.98
CA VAL B 897 21.76 24.61 33.71
C VAL B 897 21.84 25.24 32.33
N CYS B 898 21.26 24.59 31.31
CA CYS B 898 21.30 25.14 29.96
C CYS B 898 20.48 26.41 29.83
N CYS B 899 19.65 26.73 30.82
CA CYS B 899 18.83 27.93 30.76
C CYS B 899 19.69 29.18 30.73
N SER B 900 20.80 29.20 31.46
CA SER B 900 21.71 30.34 31.41
C SER B 900 22.28 30.53 30.02
N ALA B 901 22.69 29.43 29.38
CA ALA B 901 23.21 29.51 28.02
C ALA B 901 22.15 30.02 27.05
N LEU B 902 20.93 29.51 27.18
CA LEU B 902 19.84 29.99 26.32
C LEU B 902 19.56 31.46 26.55
N SER B 903 19.60 31.90 27.81
CA SER B 903 19.41 33.30 28.11
C SER B 903 20.48 34.16 27.45
N SER B 904 21.73 33.71 27.52
CA SER B 904 22.81 34.44 26.85
C SER B 904 22.58 34.49 25.34
N VAL B 905 22.16 33.37 24.74
CA VAL B 905 21.94 33.34 23.31
C VAL B 905 20.84 34.32 22.89
N LEU B 906 19.72 34.28 23.61
CA LEU B 906 18.64 35.21 23.29
C LEU B 906 19.05 36.65 23.58
N SER B 907 19.95 36.86 24.55
CA SER B 907 20.41 38.21 24.85
C SER B 907 21.29 38.76 23.75
N THR B 908 22.14 37.92 23.15
CA THR B 908 23.12 38.39 22.18
C THR B 908 22.66 38.20 20.74
N ASN B 909 22.16 37.02 20.39
CA ASN B 909 21.83 36.73 19.01
C ASN B 909 20.60 37.54 18.58
N GLN B 910 20.71 38.23 17.46
CA GLN B 910 19.62 39.02 16.92
C GLN B 910 18.98 38.39 15.69
N ASN B 911 19.46 37.23 15.24
CA ASN B 911 18.88 36.53 14.10
C ASN B 911 17.99 35.37 14.51
N LEU B 912 18.09 34.90 15.75
CA LEU B 912 17.25 33.81 16.22
C LEU B 912 15.82 34.30 16.38
N THR B 913 14.87 33.55 15.82
CA THR B 913 13.47 33.96 15.79
C THR B 913 12.53 32.97 16.45
N HIS B 914 12.76 31.67 16.32
CA HIS B 914 11.90 30.65 16.90
C HIS B 914 12.71 29.78 17.84
N LEU B 915 12.09 29.41 18.96
CA LEU B 915 12.70 28.51 19.92
C LEU B 915 11.71 27.41 20.25
N TYR B 916 12.22 26.18 20.37
CA TYR B 916 11.41 25.02 20.72
C TYR B 916 12.14 24.25 21.80
N LEU B 917 11.51 24.13 22.97
CA LEU B 917 12.07 23.37 24.08
C LEU B 917 11.07 22.36 24.64
N ARG B 918 10.00 22.08 23.90
CA ARG B 918 8.94 21.25 24.43
C ARG B 918 9.43 19.84 24.72
N GLY B 919 8.94 19.27 25.81
CA GLY B 919 9.31 17.92 26.21
C GLY B 919 10.51 17.83 27.12
N ASN B 920 11.13 18.95 27.46
CA ASN B 920 12.28 18.94 28.38
C ASN B 920 11.78 18.90 29.82
N THR B 921 12.71 19.10 30.76
CA THR B 921 12.39 19.23 32.19
C THR B 921 13.33 20.30 32.76
N LEU B 922 12.87 21.55 32.76
CA LEU B 922 13.70 22.65 33.25
C LEU B 922 13.24 23.19 34.60
N GLY B 923 11.95 23.08 34.92
CA GLY B 923 11.47 23.45 36.24
C GLY B 923 11.23 24.94 36.40
N ASP B 924 10.71 25.29 37.58
CA ASP B 924 10.35 26.67 37.89
C ASP B 924 11.57 27.58 37.88
N LYS B 925 12.69 27.12 38.42
CA LYS B 925 13.91 27.91 38.38
C LYS B 925 14.35 28.18 36.94
N GLY B 926 14.27 27.14 36.09
CA GLY B 926 14.60 27.34 34.69
C GLY B 926 13.67 28.33 34.02
N ILE B 927 12.38 28.27 34.33
CA ILE B 927 11.44 29.22 33.76
C ILE B 927 11.77 30.64 34.21
N LYS B 928 12.09 30.81 35.49
CA LYS B 928 12.43 32.13 36.00
C LYS B 928 13.66 32.68 35.30
N LEU B 929 14.71 31.87 35.19
CA LEU B 929 15.92 32.33 34.52
C LEU B 929 15.66 32.63 33.06
N LEU B 930 14.86 31.79 32.40
CA LEU B 930 14.56 32.02 30.99
C LEU B 930 13.81 33.33 30.79
N CYS B 931 12.77 33.56 31.58
CA CYS B 931 12.00 34.79 31.45
C CYS B 931 12.85 36.00 31.78
N GLU B 932 13.79 35.86 32.72
CA GLU B 932 14.75 36.92 32.97
C GLU B 932 15.62 37.15 31.74
N GLY B 933 15.91 36.09 31.00
CA GLY B 933 16.64 36.25 29.74
C GLY B 933 15.84 36.97 28.67
N LEU B 934 14.55 36.63 28.55
CA LEU B 934 13.74 37.17 27.46
C LEU B 934 13.51 38.67 27.58
N LEU B 935 13.50 39.19 28.81
CA LEU B 935 13.15 40.60 28.99
C LEU B 935 14.20 41.56 28.45
N HIS B 936 15.35 41.06 28.02
CA HIS B 936 16.37 41.93 27.45
C HIS B 936 15.81 42.64 26.22
N PRO B 937 16.04 43.95 26.09
CA PRO B 937 15.44 44.70 24.97
C PRO B 937 15.87 44.21 23.60
N ASP B 938 17.08 43.66 23.47
CA ASP B 938 17.58 43.24 22.17
C ASP B 938 17.05 41.88 21.73
N CYS B 939 16.31 41.18 22.59
CA CYS B 939 15.76 39.89 22.22
C CYS B 939 14.71 40.05 21.11
N LYS B 940 14.79 39.20 20.09
CA LYS B 940 13.86 39.25 18.97
C LYS B 940 13.12 37.93 18.77
N LEU B 941 13.02 37.12 19.82
CA LEU B 941 12.31 35.85 19.72
C LEU B 941 10.84 36.09 19.39
N GLN B 942 10.28 35.20 18.56
CA GLN B 942 8.90 35.32 18.14
C GLN B 942 8.00 34.20 18.64
N VAL B 943 8.52 32.97 18.74
CA VAL B 943 7.71 31.81 19.09
C VAL B 943 8.43 31.02 20.17
N LEU B 944 7.70 30.61 21.19
CA LEU B 944 8.23 29.73 22.23
C LEU B 944 7.19 28.68 22.58
N GLU B 945 7.64 27.43 22.69
CA GLU B 945 6.80 26.32 23.10
C GLU B 945 7.25 25.84 24.47
N LEU B 946 6.30 25.34 25.26
CA LEU B 946 6.60 24.82 26.59
C LEU B 946 5.58 23.74 26.91
N ASP B 947 5.89 22.49 26.57
CA ASP B 947 5.07 21.37 26.99
C ASP B 947 5.60 20.78 28.29
N ASN B 948 5.15 19.56 28.63
CA ASN B 948 5.37 18.94 29.93
C ASN B 948 6.80 19.11 30.42
N CYS B 949 6.95 19.82 31.54
CA CYS B 949 8.26 20.04 32.15
C CYS B 949 8.19 19.99 33.67
N ASN B 950 7.24 19.23 34.23
CA ASN B 950 6.97 19.22 35.67
C ASN B 950 6.69 20.64 36.17
N LEU B 951 5.92 21.39 35.39
CA LEU B 951 5.60 22.76 35.72
C LEU B 951 4.56 22.83 36.84
N THR B 952 4.66 23.86 37.67
CA THR B 952 3.74 24.11 38.77
C THR B 952 3.13 25.50 38.62
N SER B 953 2.24 25.84 39.55
CA SER B 953 1.57 27.14 39.53
C SER B 953 2.42 28.25 40.09
N HIS B 954 3.59 27.94 40.65
CA HIS B 954 4.48 28.98 41.17
C HIS B 954 4.95 29.91 40.06
N CYS B 955 5.26 29.35 38.90
CA CYS B 955 5.81 30.12 37.78
C CYS B 955 4.76 30.95 37.05
N CYS B 956 3.47 30.74 37.31
CA CYS B 956 2.43 31.38 36.52
C CYS B 956 2.56 32.90 36.56
N TRP B 957 2.84 33.45 37.75
CA TRP B 957 3.03 34.89 37.86
C TRP B 957 4.25 35.35 37.07
N ASP B 958 5.30 34.53 37.04
CA ASP B 958 6.47 34.87 36.24
C ASP B 958 6.12 34.95 34.77
N LEU B 959 5.33 33.99 34.28
CA LEU B 959 4.84 34.08 32.91
C LEU B 959 3.93 35.29 32.73
N SER B 960 3.19 35.67 33.78
CA SER B 960 2.37 36.88 33.69
C SER B 960 3.23 38.11 33.47
N THR B 961 4.33 38.22 34.21
CA THR B 961 5.26 39.32 34.01
C THR B 961 5.88 39.25 32.62
N LEU B 962 6.16 38.04 32.14
CA LEU B 962 6.66 37.87 30.78
C LEU B 962 5.68 38.43 29.75
N LEU B 963 4.40 38.06 29.88
CA LEU B 963 3.38 38.53 28.95
C LEU B 963 3.22 40.05 29.02
N THR B 964 3.25 40.62 30.22
CA THR B 964 3.16 42.07 30.32
C THR B 964 4.46 42.76 29.98
N SER B 965 5.53 42.01 29.73
CA SER B 965 6.84 42.58 29.43
C SER B 965 7.32 42.26 28.02
N SER B 966 7.00 41.08 27.50
CA SER B 966 7.48 40.69 26.18
C SER B 966 6.85 41.55 25.10
N GLN B 967 7.63 41.83 24.06
CA GLN B 967 7.17 42.64 22.94
C GLN B 967 7.23 41.92 21.60
N SER B 968 8.27 41.11 21.37
CA SER B 968 8.39 40.36 20.12
C SER B 968 7.75 38.98 20.18
N LEU B 969 7.31 38.54 21.35
CA LEU B 969 6.72 37.22 21.48
C LEU B 969 5.35 37.16 20.80
N ARG B 970 5.04 36.01 20.20
CA ARG B 970 3.77 35.80 19.53
C ARG B 970 3.03 34.55 20.00
N LYS B 971 3.73 33.52 20.45
CA LYS B 971 3.11 32.24 20.79
C LYS B 971 3.65 31.76 22.12
N LEU B 972 2.79 31.06 22.87
CA LEU B 972 3.19 30.43 24.13
C LEU B 972 2.35 29.17 24.28
N SER B 973 2.90 28.04 23.83
CA SER B 973 2.18 26.77 23.86
C SER B 973 2.41 26.10 25.20
N LEU B 974 1.31 25.71 25.87
CA LEU B 974 1.38 24.93 27.10
C LEU B 974 0.55 23.67 26.92
N GLY B 975 1.13 22.53 27.28
CA GLY B 975 0.45 21.26 27.11
C GLY B 975 0.18 20.56 28.42
N ASN B 976 0.67 19.33 28.56
CA ASN B 976 0.40 18.52 29.74
C ASN B 976 1.20 19.04 30.93
N ASN B 977 0.66 20.04 31.62
CA ASN B 977 1.32 20.65 32.75
C ASN B 977 0.28 21.04 33.79
N ASP B 978 0.71 21.08 35.05
CA ASP B 978 -0.15 21.49 36.16
C ASP B 978 0.00 23.00 36.41
N LEU B 979 -0.34 23.77 35.37
CA LEU B 979 -0.19 25.22 35.45
C LEU B 979 -1.12 25.84 36.49
N GLY B 980 -2.30 25.26 36.68
CA GLY B 980 -3.23 25.75 37.68
C GLY B 980 -4.25 26.73 37.13
N ASP B 981 -5.51 26.55 37.52
CA ASP B 981 -6.57 27.44 37.05
C ASP B 981 -6.40 28.85 37.58
N LEU B 982 -5.78 28.99 38.76
CA LEU B 982 -5.50 30.33 39.28
C LEU B 982 -4.52 31.06 38.36
N GLY B 983 -3.50 30.37 37.88
CA GLY B 983 -2.62 30.98 36.89
C GLY B 983 -3.37 31.35 35.62
N VAL B 984 -4.32 30.51 35.22
CA VAL B 984 -5.11 30.80 34.02
C VAL B 984 -5.91 32.08 34.20
N MET B 985 -6.55 32.24 35.36
CA MET B 985 -7.34 33.45 35.58
C MET B 985 -6.45 34.67 35.76
N MET B 986 -5.26 34.50 36.33
CA MET B 986 -4.30 35.60 36.37
C MET B 986 -3.91 36.03 34.96
N PHE B 987 -3.71 35.06 34.07
CA PHE B 987 -3.45 35.38 32.67
C PHE B 987 -4.63 36.12 32.05
N CYS B 988 -5.84 35.65 32.32
CA CYS B 988 -7.03 36.28 31.75
C CYS B 988 -7.15 37.73 32.20
N GLU B 989 -6.86 37.99 33.49
CA GLU B 989 -6.92 39.37 33.98
C GLU B 989 -5.89 40.24 33.28
N VAL B 990 -4.67 39.73 33.10
CA VAL B 990 -3.61 40.51 32.47
C VAL B 990 -3.64 40.42 30.95
N LEU B 991 -4.49 39.56 30.39
CA LEU B 991 -4.54 39.43 28.93
C LEU B 991 -5.15 40.67 28.29
N LYS B 992 -6.03 41.36 28.99
CA LYS B 992 -6.70 42.54 28.44
C LYS B 992 -5.76 43.73 28.29
N GLN B 993 -4.56 43.67 28.87
CA GLN B 993 -3.67 44.84 28.92
C GLN B 993 -2.89 45.03 27.62
N GLN B 994 -3.61 45.02 26.50
CA GLN B 994 -3.06 45.38 25.20
C GLN B 994 -1.83 44.55 24.84
N SER B 995 -1.92 43.25 25.07
CA SER B 995 -0.84 42.36 24.67
C SER B 995 -0.81 42.23 23.16
N CYS B 996 0.39 42.00 22.62
CA CYS B 996 0.61 41.91 21.19
C CYS B 996 0.61 40.47 20.68
N LEU B 997 0.21 39.51 21.51
CA LEU B 997 0.15 38.13 21.07
C LEU B 997 -0.84 37.97 19.94
N LEU B 998 -0.49 37.15 18.95
CA LEU B 998 -1.30 36.99 17.76
C LEU B 998 -1.93 35.62 17.61
N GLN B 999 -1.31 34.57 18.15
CA GLN B 999 -1.83 33.22 18.00
C GLN B 999 -1.95 32.54 19.36
N ASN B 1000 -2.19 31.23 19.31
CA ASN B 1000 -2.76 30.49 20.43
C ASN B 1000 -1.89 30.53 21.68
N LEU B 1001 -2.47 30.05 22.77
CA LEU B 1001 -1.79 29.92 24.05
C LEU B 1001 -1.80 28.48 24.56
N GLY B 1002 -2.19 27.52 23.72
CA GLY B 1002 -2.18 26.12 24.11
C GLY B 1002 -3.17 25.79 25.20
N LEU B 1003 -2.65 25.51 26.40
CA LEU B 1003 -3.47 25.31 27.59
C LEU B 1003 -4.41 24.10 27.45
N SER B 1004 -3.85 22.96 27.06
CA SER B 1004 -4.64 21.76 26.80
C SER B 1004 -4.10 20.58 27.58
N GLU B 1005 -4.75 19.43 27.40
CA GLU B 1005 -4.39 18.18 28.05
C GLU B 1005 -4.32 18.34 29.57
N MET B 1006 -5.27 19.09 30.12
CA MET B 1006 -5.33 19.32 31.55
C MET B 1006 -6.74 19.71 31.94
N TYR B 1007 -7.06 19.54 33.21
CA TYR B 1007 -8.42 19.76 33.70
C TYR B 1007 -8.67 21.23 34.00
N PHE B 1008 -9.93 21.64 33.77
CA PHE B 1008 -10.39 22.97 34.11
C PHE B 1008 -11.69 22.86 34.90
N ASN B 1009 -11.96 23.88 35.72
CA ASN B 1009 -13.20 23.97 36.46
C ASN B 1009 -14.24 24.73 35.64
N TYR B 1010 -15.47 24.79 36.17
CA TYR B 1010 -16.54 25.46 35.44
C TYR B 1010 -16.26 26.95 35.32
N GLU B 1011 -15.85 27.59 36.42
CA GLU B 1011 -15.53 29.01 36.37
C GLU B 1011 -14.33 29.28 35.47
N THR B 1012 -13.37 28.35 35.45
CA THR B 1012 -12.20 28.51 34.59
C THR B 1012 -12.60 28.50 33.12
N LYS B 1013 -13.47 27.56 32.73
CA LYS B 1013 -13.92 27.51 31.34
C LYS B 1013 -14.80 28.71 31.02
N SER B 1014 -15.59 29.18 31.99
CA SER B 1014 -16.40 30.38 31.77
C SER B 1014 -15.51 31.58 31.47
N ALA B 1015 -14.48 31.78 32.29
CA ALA B 1015 -13.55 32.88 32.05
C ALA B 1015 -12.82 32.70 30.73
N LEU B 1016 -12.45 31.46 30.40
CA LEU B 1016 -11.72 31.20 29.17
C LEU B 1016 -12.55 31.56 27.95
N GLU B 1017 -13.81 31.12 27.91
CA GLU B 1017 -14.66 31.47 26.78
C GLU B 1017 -15.00 32.96 26.77
N THR B 1018 -15.11 33.55 27.96
CA THR B 1018 -15.32 35.00 28.04
C THR B 1018 -14.18 35.74 27.37
N LEU B 1019 -12.95 35.34 27.67
CA LEU B 1019 -11.80 35.95 27.02
C LEU B 1019 -11.76 35.64 25.53
N GLN B 1020 -12.12 34.42 25.15
CA GLN B 1020 -12.07 34.04 23.73
C GLN B 1020 -13.01 34.90 22.89
N GLU B 1021 -14.25 35.07 23.36
CA GLU B 1021 -15.18 35.93 22.64
C GLU B 1021 -14.94 37.41 22.88
N GLU B 1022 -14.20 37.76 23.94
CA GLU B 1022 -13.92 39.17 24.22
C GLU B 1022 -12.85 39.72 23.29
N LYS B 1023 -11.92 38.86 22.82
CA LYS B 1023 -10.77 39.29 22.05
C LYS B 1023 -10.84 38.68 20.66
N PRO B 1024 -11.41 39.39 19.69
CA PRO B 1024 -11.35 38.90 18.30
C PRO B 1024 -9.94 38.88 17.74
N GLU B 1025 -9.03 39.67 18.30
CA GLU B 1025 -7.66 39.73 17.77
C GLU B 1025 -6.89 38.45 18.04
N LEU B 1026 -7.12 37.80 19.17
CA LEU B 1026 -6.49 36.51 19.45
C LEU B 1026 -7.17 35.45 18.59
N THR B 1027 -6.38 34.78 17.75
CA THR B 1027 -6.95 33.80 16.83
C THR B 1027 -7.66 32.68 17.57
N VAL B 1028 -6.98 32.09 18.55
CA VAL B 1028 -7.52 30.95 19.27
C VAL B 1028 -6.78 30.82 20.60
N VAL B 1029 -7.40 30.13 21.55
CA VAL B 1029 -6.74 29.75 22.79
C VAL B 1029 -6.75 28.22 22.85
N PHE B 1030 -7.66 27.62 22.08
CA PHE B 1030 -7.75 26.18 21.89
C PHE B 1030 -8.00 25.48 23.24
N GLU B 1031 -9.19 25.75 23.76
CA GLU B 1031 -9.64 25.08 24.97
C GLU B 1031 -9.86 23.59 24.70
N PRO B 1032 -9.70 22.74 25.72
CA PRO B 1032 -9.88 21.30 25.50
C PRO B 1032 -11.31 20.89 25.18
N SER B 1033 -12.30 21.73 25.48
CA SER B 1033 -13.69 21.38 25.23
C SER B 1033 -14.33 22.35 24.25
#